data_1IC0
#
_entry.id   1IC0
#
_cell.length_a   90.903
_cell.length_b   92.708
_cell.length_c   97.201
_cell.angle_alpha   90.00
_cell.angle_beta   90.00
_cell.angle_gamma   90.00
#
_symmetry.space_group_name_H-M   'P 21 21 21'
#
loop_
_entity.id
_entity.type
_entity.pdbx_description
1 polymer Nitrosocyanin
2 non-polymer 'COPPER (II) ION'
3 water water
#
_entity_poly.entity_id   1
_entity_poly.type   'polypeptide(L)'
_entity_poly.pdbx_seq_one_letter_code
;EHNFNVVINAYDTTIPELNVEGVTVKNIRAFNVLNEPETLVVKKGDAVKVVVENKSPISEGFSIDAFGVQEVIKAGETKT
ISFTADKAGAFTIWCQLHPKNIHLPGTLNVVE
;
_entity_poly.pdbx_strand_id   A,B,C,D,E,F
#
loop_
_chem_comp.id
_chem_comp.type
_chem_comp.name
_chem_comp.formula
CU non-polymer 'COPPER (II) ION' 'Cu 2'
#
# COMPACT_ATOMS: atom_id res chain seq x y z
N HIS A 2 1.84 28.85 3.49
CA HIS A 2 3.29 29.07 3.73
C HIS A 2 4.12 28.67 2.50
N ASN A 3 4.34 27.37 2.36
CA ASN A 3 5.13 26.85 1.25
C ASN A 3 4.54 25.55 0.68
N PHE A 4 5.24 24.93 -0.25
CA PHE A 4 4.78 23.68 -0.87
C PHE A 4 5.24 22.45 -0.10
N ASN A 5 4.37 21.44 -0.05
CA ASN A 5 4.67 20.19 0.63
C ASN A 5 4.54 19.05 -0.37
N VAL A 6 5.66 18.42 -0.69
CA VAL A 6 5.66 17.30 -1.64
C VAL A 6 6.06 16.01 -0.93
N VAL A 7 5.26 14.98 -1.12
CA VAL A 7 5.55 13.69 -0.52
C VAL A 7 5.91 12.71 -1.64
N ILE A 8 7.04 12.02 -1.49
CA ILE A 8 7.49 11.06 -2.48
C ILE A 8 7.18 9.65 -1.96
N ASN A 9 6.42 8.89 -2.75
CA ASN A 9 6.00 7.53 -2.38
C ASN A 9 6.31 6.51 -3.47
N ALA A 10 6.62 5.29 -3.04
CA ALA A 10 6.93 4.22 -3.98
C ALA A 10 5.77 3.22 -3.96
N TYR A 11 5.41 2.73 -5.14
CA TYR A 11 4.34 1.74 -5.22
C TYR A 11 4.83 0.49 -5.90
N ASP A 12 4.75 -0.62 -5.16
CA ASP A 12 5.16 -1.95 -5.62
C ASP A 12 3.84 -2.70 -5.76
N THR A 13 3.29 -2.74 -6.98
CA THR A 13 1.99 -3.35 -7.21
C THR A 13 1.95 -4.57 -8.11
N THR A 14 1.49 -5.70 -7.56
CA THR A 14 1.36 -6.95 -8.30
C THR A 14 -0.07 -7.46 -8.09
N ILE A 15 -0.79 -7.66 -9.19
CA ILE A 15 -2.18 -8.13 -9.14
C ILE A 15 -2.36 -9.37 -9.99
N PRO A 16 -2.84 -10.47 -9.39
CA PRO A 16 -3.05 -11.73 -10.13
C PRO A 16 -4.12 -11.57 -11.20
N GLU A 17 -4.21 -12.52 -12.12
CA GLU A 17 -5.24 -12.46 -13.16
C GLU A 17 -6.63 -12.45 -12.51
N LEU A 18 -7.53 -11.66 -13.09
CA LEU A 18 -8.89 -11.56 -12.56
C LEU A 18 -9.92 -11.77 -13.66
N ASN A 19 -11.15 -12.03 -13.25
CA ASN A 19 -12.26 -12.16 -14.20
C ASN A 19 -13.36 -11.31 -13.57
N VAL A 20 -13.60 -10.14 -14.14
CA VAL A 20 -14.62 -9.25 -13.62
C VAL A 20 -15.80 -9.18 -14.60
N GLU A 21 -16.93 -9.75 -14.19
CA GLU A 21 -18.13 -9.77 -15.01
C GLU A 21 -17.82 -10.45 -16.34
N GLY A 22 -17.34 -11.68 -16.27
CA GLY A 22 -17.01 -12.44 -17.47
C GLY A 22 -15.80 -11.92 -18.20
N VAL A 23 -15.43 -10.67 -17.93
CA VAL A 23 -14.27 -10.05 -18.58
C VAL A 23 -12.98 -10.40 -17.85
N THR A 24 -12.07 -11.05 -18.56
CA THR A 24 -10.79 -11.45 -18.00
C THR A 24 -9.78 -10.30 -18.05
N VAL A 25 -9.04 -10.11 -16.96
CA VAL A 25 -8.03 -9.06 -16.87
C VAL A 25 -6.69 -9.72 -16.58
N LYS A 26 -5.76 -9.66 -17.52
CA LYS A 26 -4.42 -10.26 -17.36
C LYS A 26 -3.72 -9.75 -16.10
N ASN A 27 -2.85 -10.55 -15.53
CA ASN A 27 -2.15 -10.14 -14.32
C ASN A 27 -1.44 -8.81 -14.58
N ILE A 28 -1.39 -7.97 -13.56
CA ILE A 28 -0.79 -6.65 -13.65
C ILE A 28 0.45 -6.53 -12.77
N ARG A 29 1.45 -5.81 -13.24
CA ARG A 29 2.68 -5.61 -12.48
C ARG A 29 3.18 -4.20 -12.76
N ALA A 30 3.05 -3.30 -11.79
CA ALA A 30 3.48 -1.92 -11.95
C ALA A 30 4.27 -1.45 -10.73
N PHE A 31 5.48 -0.97 -10.97
CA PHE A 31 6.35 -0.46 -9.91
C PHE A 31 6.71 0.98 -10.26
N ASN A 32 6.29 1.94 -9.42
CA ASN A 32 6.57 3.36 -9.67
C ASN A 32 6.88 4.13 -8.39
N VAL A 33 7.43 5.32 -8.58
CA VAL A 33 7.72 6.23 -7.49
C VAL A 33 7.04 7.51 -7.95
N LEU A 34 6.22 8.12 -7.09
CA LEU A 34 5.52 9.33 -7.50
C LEU A 34 5.71 10.51 -6.55
N ASN A 35 5.73 11.70 -7.13
CA ASN A 35 5.84 12.93 -6.35
C ASN A 35 4.39 13.35 -6.14
N GLU A 36 4.00 13.58 -4.90
CA GLU A 36 2.63 13.98 -4.61
C GLU A 36 2.63 15.20 -3.70
N PRO A 37 2.24 16.38 -4.23
CA PRO A 37 1.81 16.59 -5.62
C PRO A 37 2.93 16.59 -6.67
N GLU A 38 2.52 16.41 -7.92
CA GLU A 38 3.42 16.34 -9.07
C GLU A 38 3.67 17.70 -9.74
N THR A 39 2.68 18.59 -9.69
CA THR A 39 2.79 19.89 -10.33
C THR A 39 2.81 21.06 -9.32
N LEU A 40 3.68 22.04 -9.58
CA LEU A 40 3.80 23.22 -8.72
C LEU A 40 3.71 24.47 -9.61
N VAL A 41 2.72 25.33 -9.35
CA VAL A 41 2.55 26.55 -10.13
C VAL A 41 2.89 27.79 -9.30
N VAL A 42 3.96 28.48 -9.68
CA VAL A 42 4.41 29.67 -8.97
C VAL A 42 4.61 30.88 -9.88
N LYS A 43 4.47 32.07 -9.31
CA LYS A 43 4.66 33.32 -10.05
C LYS A 43 6.15 33.61 -10.21
N LYS A 44 6.51 34.20 -11.36
CA LYS A 44 7.90 34.53 -11.65
C LYS A 44 8.44 35.50 -10.61
N GLY A 45 9.61 35.18 -10.06
CA GLY A 45 10.22 36.04 -9.07
C GLY A 45 9.89 35.61 -7.66
N ASP A 46 9.30 34.43 -7.52
CA ASP A 46 8.93 33.88 -6.23
C ASP A 46 10.11 33.18 -5.55
N ALA A 47 10.16 33.29 -4.22
CA ALA A 47 11.22 32.65 -3.43
C ALA A 47 10.65 31.31 -2.97
N VAL A 48 10.52 30.40 -3.93
CA VAL A 48 9.95 29.07 -3.69
C VAL A 48 10.58 28.23 -2.59
N LYS A 49 9.71 27.71 -1.73
CA LYS A 49 10.11 26.84 -0.63
C LYS A 49 9.39 25.51 -0.84
N VAL A 50 10.16 24.43 -0.94
CA VAL A 50 9.55 23.13 -1.16
C VAL A 50 10.01 22.11 -0.10
N VAL A 51 9.08 21.72 0.76
CA VAL A 51 9.38 20.76 1.81
C VAL A 51 9.10 19.38 1.24
N VAL A 52 10.16 18.63 0.95
CA VAL A 52 10.01 17.30 0.38
C VAL A 52 10.21 16.19 1.39
N GLU A 53 9.14 15.45 1.65
CA GLU A 53 9.17 14.33 2.59
C GLU A 53 9.28 13.05 1.78
N ASN A 54 10.38 12.31 1.97
CA ASN A 54 10.60 11.08 1.23
C ASN A 54 10.09 9.85 1.97
N LYS A 55 8.92 9.36 1.55
CA LYS A 55 8.33 8.17 2.15
C LYS A 55 8.80 6.91 1.41
N SER A 56 9.65 7.09 0.41
CA SER A 56 10.19 5.97 -0.35
C SER A 56 11.20 5.24 0.52
N PRO A 57 11.34 3.92 0.36
CA PRO A 57 12.30 3.18 1.18
C PRO A 57 13.74 3.33 0.68
N ILE A 58 13.91 4.08 -0.40
CA ILE A 58 15.24 4.30 -0.96
C ILE A 58 15.46 5.80 -1.20
N SER A 59 16.70 6.19 -1.46
CA SER A 59 17.03 7.59 -1.74
C SER A 59 16.28 8.05 -2.97
N GLU A 60 15.77 9.27 -2.93
CA GLU A 60 15.04 9.83 -4.06
C GLU A 60 15.62 11.16 -4.49
N GLY A 61 15.63 11.39 -5.80
CA GLY A 61 16.16 12.64 -6.33
C GLY A 61 15.06 13.64 -6.67
N PHE A 62 15.40 14.92 -6.61
CA PHE A 62 14.47 16.00 -6.92
C PHE A 62 15.28 17.04 -7.67
N SER A 63 15.01 17.21 -8.95
CA SER A 63 15.75 18.18 -9.76
C SER A 63 14.89 19.04 -10.69
N ILE A 64 15.38 20.25 -10.92
CA ILE A 64 14.75 21.21 -11.83
C ILE A 64 15.95 21.98 -12.38
N ASP A 65 16.43 21.58 -13.55
CA ASP A 65 17.61 22.17 -14.17
C ASP A 65 17.61 23.71 -14.24
N ALA A 66 16.55 24.28 -14.82
CA ALA A 66 16.44 25.72 -14.97
C ALA A 66 16.76 26.57 -13.73
N PHE A 67 16.78 25.96 -12.55
CA PHE A 67 17.06 26.70 -11.34
C PHE A 67 18.11 26.07 -10.43
N GLY A 68 19.00 25.29 -11.02
CA GLY A 68 20.05 24.64 -10.26
C GLY A 68 19.60 23.66 -9.19
N VAL A 69 18.30 23.42 -9.11
CA VAL A 69 17.77 22.48 -8.13
C VAL A 69 18.16 21.04 -8.43
N GLN A 70 18.82 20.39 -7.47
CA GLN A 70 19.24 19.00 -7.61
C GLN A 70 19.65 18.45 -6.25
N GLU A 71 18.71 17.80 -5.58
CA GLU A 71 18.95 17.24 -4.25
C GLU A 71 18.66 15.74 -4.19
N VAL A 72 19.27 15.10 -3.19
CA VAL A 72 19.09 13.68 -2.96
C VAL A 72 18.54 13.60 -1.55
N ILE A 73 17.34 13.02 -1.42
CA ILE A 73 16.71 12.89 -0.11
C ILE A 73 16.70 11.42 0.30
N LYS A 74 17.33 11.13 1.44
CA LYS A 74 17.42 9.77 1.95
C LYS A 74 16.06 9.23 2.36
N ALA A 75 15.93 7.92 2.38
CA ALA A 75 14.68 7.27 2.74
C ALA A 75 14.21 7.70 4.13
N GLY A 76 12.99 8.26 4.20
CA GLY A 76 12.45 8.69 5.47
C GLY A 76 12.82 10.08 5.93
N GLU A 77 13.61 10.79 5.13
CA GLU A 77 14.03 12.13 5.52
C GLU A 77 13.21 13.21 4.83
N THR A 78 13.22 14.41 5.42
CA THR A 78 12.49 15.55 4.88
C THR A 78 13.48 16.67 4.58
N LYS A 79 13.50 17.12 3.34
CA LYS A 79 14.42 18.18 2.92
C LYS A 79 13.65 19.37 2.36
N THR A 80 14.07 20.57 2.72
CA THR A 80 13.41 21.77 2.22
C THR A 80 14.25 22.35 1.09
N ILE A 81 13.64 22.46 -0.09
CA ILE A 81 14.33 23.00 -1.26
C ILE A 81 13.97 24.46 -1.41
N SER A 82 14.99 25.31 -1.58
CA SER A 82 14.76 26.74 -1.73
C SER A 82 15.47 27.32 -2.94
N PHE A 83 14.69 28.02 -3.76
CA PHE A 83 15.23 28.67 -4.96
C PHE A 83 14.24 29.74 -5.39
N THR A 84 14.64 30.56 -6.35
CA THR A 84 13.79 31.62 -6.84
C THR A 84 13.46 31.38 -8.30
N ALA A 85 12.17 31.43 -8.62
CA ALA A 85 11.71 31.21 -9.99
C ALA A 85 11.90 32.51 -10.78
N ASP A 86 13.13 32.75 -11.25
CA ASP A 86 13.45 33.95 -12.00
C ASP A 86 13.06 33.90 -13.49
N LYS A 87 12.59 32.74 -13.94
CA LYS A 87 12.20 32.58 -15.34
C LYS A 87 10.81 31.97 -15.47
N ALA A 88 10.03 32.51 -16.40
CA ALA A 88 8.68 32.02 -16.64
C ALA A 88 8.73 30.84 -17.60
N GLY A 89 7.76 29.93 -17.48
CA GLY A 89 7.72 28.78 -18.37
C GLY A 89 7.27 27.51 -17.67
N ALA A 90 7.59 26.37 -18.29
CA ALA A 90 7.23 25.06 -17.76
C ALA A 90 8.51 24.24 -17.67
N PHE A 91 8.87 23.82 -16.46
CA PHE A 91 10.10 23.05 -16.24
C PHE A 91 9.86 21.71 -15.54
N THR A 92 10.48 20.67 -16.09
CA THR A 92 10.33 19.30 -15.56
C THR A 92 10.93 19.07 -14.18
N ILE A 93 10.14 18.46 -13.29
CA ILE A 93 10.61 18.10 -11.97
C ILE A 93 10.95 16.63 -12.15
N TRP A 94 12.21 16.26 -12.02
CA TRP A 94 12.57 14.87 -12.22
C TRP A 94 13.58 14.33 -11.23
N CYS A 95 13.67 13.00 -11.18
CA CYS A 95 14.59 12.30 -10.30
C CYS A 95 15.77 11.82 -11.11
N GLN A 96 16.98 12.22 -10.71
CA GLN A 96 18.18 11.83 -11.44
C GLN A 96 18.74 10.49 -11.00
N LEU A 97 18.03 9.79 -10.13
CA LEU A 97 18.51 8.50 -9.65
C LEU A 97 17.85 7.30 -10.34
N HIS A 98 16.61 7.47 -10.78
CA HIS A 98 15.87 6.36 -11.38
C HIS A 98 15.36 6.61 -12.79
N PRO A 99 15.01 5.54 -13.52
CA PRO A 99 14.49 5.67 -14.88
C PRO A 99 13.24 6.54 -14.81
N LYS A 100 13.11 7.49 -15.74
CA LYS A 100 11.96 8.39 -15.75
C LYS A 100 10.58 7.76 -15.89
N ASN A 101 10.47 6.51 -16.31
CA ASN A 101 9.12 5.95 -16.43
C ASN A 101 8.78 5.06 -15.24
N ILE A 102 9.69 5.03 -14.26
CA ILE A 102 9.48 4.31 -13.01
C ILE A 102 9.12 5.44 -12.05
N HIS A 103 10.01 6.42 -11.92
CA HIS A 103 9.75 7.58 -11.07
C HIS A 103 9.29 8.67 -12.03
N LEU A 104 7.97 8.79 -12.18
CA LEU A 104 7.37 9.76 -13.09
C LEU A 104 7.67 11.22 -12.79
N PRO A 105 8.01 11.98 -13.84
CA PRO A 105 8.33 13.40 -13.74
C PRO A 105 7.12 14.25 -13.39
N GLY A 106 7.41 15.47 -12.92
CA GLY A 106 6.37 16.40 -12.56
C GLY A 106 6.62 17.68 -13.33
N THR A 107 6.02 18.78 -12.88
CA THR A 107 6.19 20.06 -13.56
C THR A 107 6.21 21.27 -12.65
N LEU A 108 7.16 22.16 -12.91
CA LEU A 108 7.25 23.41 -12.17
C LEU A 108 6.79 24.45 -13.19
N ASN A 109 5.65 25.07 -12.94
CA ASN A 109 5.15 26.09 -13.85
C ASN A 109 5.36 27.48 -13.25
N VAL A 110 6.06 28.34 -13.99
CA VAL A 110 6.34 29.71 -13.53
C VAL A 110 5.45 30.68 -14.30
N VAL A 111 4.51 31.28 -13.57
CA VAL A 111 3.50 32.22 -14.08
C VAL A 111 2.71 31.63 -15.24
N HIS B 2 -16.20 28.37 -17.91
CA HIS B 2 -17.26 28.15 -16.88
C HIS B 2 -16.78 27.22 -15.77
N ASN B 3 -17.04 25.92 -15.94
CA ASN B 3 -16.63 24.92 -14.96
C ASN B 3 -15.72 23.86 -15.57
N PHE B 4 -14.90 23.23 -14.73
CA PHE B 4 -13.97 22.18 -15.19
C PHE B 4 -14.69 20.91 -15.62
N ASN B 5 -14.10 20.20 -16.56
CA ASN B 5 -14.66 18.96 -17.08
C ASN B 5 -13.58 17.88 -17.06
N VAL B 6 -13.74 16.91 -16.16
CA VAL B 6 -12.78 15.82 -16.04
C VAL B 6 -13.43 14.48 -16.34
N VAL B 7 -12.81 13.72 -17.24
CA VAL B 7 -13.31 12.40 -17.58
C VAL B 7 -12.38 11.34 -17.00
N ILE B 8 -12.93 10.30 -16.39
CA ILE B 8 -12.11 9.23 -15.83
C ILE B 8 -12.21 8.03 -16.77
N ASN B 9 -11.08 7.62 -17.33
CA ASN B 9 -11.02 6.50 -18.26
C ASN B 9 -10.11 5.36 -17.80
N ALA B 10 -10.50 4.13 -18.12
CA ALA B 10 -9.68 2.97 -17.76
C ALA B 10 -9.02 2.47 -19.03
N TYR B 11 -7.80 1.96 -18.93
CA TYR B 11 -7.09 1.44 -20.09
C TYR B 11 -6.46 0.10 -19.74
N ASP B 12 -6.77 -0.92 -20.54
CA ASP B 12 -6.24 -2.28 -20.35
C ASP B 12 -5.37 -2.53 -21.58
N THR B 13 -4.07 -2.26 -21.47
CA THR B 13 -3.15 -2.39 -22.61
C THR B 13 -2.21 -3.59 -22.58
N THR B 14 -2.29 -4.42 -23.63
CA THR B 14 -1.44 -5.60 -23.73
C THR B 14 -0.91 -5.70 -25.17
N ILE B 15 0.40 -5.57 -25.32
CA ILE B 15 1.02 -5.65 -26.63
C ILE B 15 2.19 -6.62 -26.55
N PRO B 16 1.95 -7.91 -26.85
CA PRO B 16 3.03 -8.90 -26.79
C PRO B 16 4.18 -8.52 -27.71
N GLU B 17 3.86 -8.15 -28.94
CA GLU B 17 4.89 -7.77 -29.89
C GLU B 17 4.32 -6.92 -31.01
N LEU B 18 5.00 -5.83 -31.33
CA LEU B 18 4.52 -4.97 -32.41
C LEU B 18 5.64 -4.12 -32.98
N ASN B 19 5.69 -4.07 -34.30
CA ASN B 19 6.71 -3.28 -35.00
C ASN B 19 6.05 -1.99 -35.45
N VAL B 20 6.44 -0.88 -34.82
CA VAL B 20 5.89 0.43 -35.16
C VAL B 20 6.94 1.25 -35.89
N GLU B 21 6.75 1.44 -37.18
CA GLU B 21 7.68 2.21 -37.99
C GLU B 21 9.12 1.71 -37.82
N GLY B 22 9.31 0.41 -38.05
CA GLY B 22 10.63 -0.18 -37.93
C GLY B 22 11.09 -0.50 -36.53
N VAL B 23 10.44 0.09 -35.53
CA VAL B 23 10.80 -0.12 -34.15
C VAL B 23 9.90 -1.16 -33.50
N THR B 24 10.49 -2.24 -33.01
CA THR B 24 9.73 -3.32 -32.39
C THR B 24 9.63 -3.16 -30.88
N VAL B 25 8.40 -3.09 -30.37
CA VAL B 25 8.14 -2.97 -28.94
C VAL B 25 7.61 -4.34 -28.49
N LYS B 26 8.07 -4.83 -27.34
CA LYS B 26 7.65 -6.14 -26.86
C LYS B 26 7.27 -6.19 -25.39
N ASN B 27 6.49 -7.21 -25.04
CA ASN B 27 6.05 -7.47 -23.67
C ASN B 27 5.47 -6.31 -22.86
N ILE B 28 4.58 -5.55 -23.50
CA ILE B 28 3.94 -4.43 -22.83
C ILE B 28 2.67 -4.91 -22.15
N ARG B 29 2.48 -4.52 -20.89
CA ARG B 29 1.31 -4.92 -20.14
C ARG B 29 1.06 -3.85 -19.10
N ALA B 30 0.09 -2.99 -19.35
CA ALA B 30 -0.21 -1.93 -18.40
C ALA B 30 -1.70 -1.69 -18.24
N PHE B 31 -2.14 -1.61 -16.99
CA PHE B 31 -3.54 -1.33 -16.72
C PHE B 31 -3.56 -0.08 -15.86
N ASN B 32 -4.32 0.93 -16.28
CA ASN B 32 -4.40 2.17 -15.53
C ASN B 32 -5.76 2.83 -15.65
N VAL B 33 -6.02 3.76 -14.73
CA VAL B 33 -7.24 4.55 -14.72
C VAL B 33 -6.67 5.97 -14.70
N LEU B 34 -7.15 6.85 -15.56
CA LEU B 34 -6.63 8.21 -15.61
C LEU B 34 -7.70 9.28 -15.56
N ASN B 35 -7.38 10.40 -14.93
CA ASN B 35 -8.29 11.53 -14.88
C ASN B 35 -7.81 12.39 -16.03
N GLU B 36 -8.71 12.73 -16.95
CA GLU B 36 -8.32 13.54 -18.09
C GLU B 36 -9.19 14.80 -18.12
N PRO B 37 -8.61 15.97 -17.82
CA PRO B 37 -7.22 16.25 -17.45
C PRO B 37 -6.87 15.93 -15.99
N GLU B 38 -5.57 15.80 -15.72
CA GLU B 38 -5.07 15.49 -14.38
C GLU B 38 -4.86 16.73 -13.51
N THR B 39 -4.47 17.83 -14.14
CA THR B 39 -4.20 19.07 -13.41
C THR B 39 -5.26 20.16 -13.57
N LEU B 40 -5.58 20.81 -12.46
CA LEU B 40 -6.55 21.89 -12.44
C LEU B 40 -5.88 23.05 -11.71
N VAL B 41 -5.89 24.23 -12.32
CA VAL B 41 -5.29 25.39 -11.68
C VAL B 41 -6.35 26.47 -11.46
N VAL B 42 -6.40 27.01 -10.25
CA VAL B 42 -7.37 28.04 -9.92
C VAL B 42 -6.73 29.14 -9.05
N LYS B 43 -7.47 30.23 -8.88
CA LYS B 43 -7.03 31.35 -8.07
C LYS B 43 -7.51 31.17 -6.64
N LYS B 44 -6.65 31.50 -5.69
CA LYS B 44 -7.04 31.38 -4.29
C LYS B 44 -8.26 32.23 -4.03
N GLY B 45 -9.32 31.61 -3.52
CA GLY B 45 -10.53 32.34 -3.22
C GLY B 45 -11.76 31.91 -4.00
N ASP B 46 -11.64 31.78 -5.31
CA ASP B 46 -12.81 31.40 -6.11
C ASP B 46 -13.32 29.99 -5.82
N ALA B 47 -14.62 29.80 -6.04
CA ALA B 47 -15.26 28.52 -5.82
C ALA B 47 -15.03 27.68 -7.06
N VAL B 48 -14.74 26.39 -6.85
CA VAL B 48 -14.48 25.48 -7.94
C VAL B 48 -15.64 24.54 -8.19
N LYS B 49 -15.88 24.24 -9.46
CA LYS B 49 -16.93 23.31 -9.89
C LYS B 49 -16.32 22.30 -10.85
N VAL B 50 -16.26 21.04 -10.43
CA VAL B 50 -15.70 20.00 -11.26
C VAL B 50 -16.76 18.97 -11.63
N VAL B 51 -17.05 18.86 -12.92
CA VAL B 51 -18.03 17.90 -13.40
C VAL B 51 -17.28 16.63 -13.79
N VAL B 52 -17.21 15.68 -12.87
CA VAL B 52 -16.51 14.43 -13.10
C VAL B 52 -17.38 13.36 -13.75
N GLU B 53 -16.98 12.94 -14.95
CA GLU B 53 -17.71 11.89 -15.67
C GLU B 53 -16.90 10.61 -15.58
N ASN B 54 -17.42 9.63 -14.86
CA ASN B 54 -16.72 8.37 -14.70
C ASN B 54 -17.08 7.38 -15.80
N LYS B 55 -16.17 7.20 -16.75
CA LYS B 55 -16.39 6.28 -17.86
C LYS B 55 -15.73 4.93 -17.58
N SER B 56 -15.23 4.77 -16.35
CA SER B 56 -14.60 3.52 -15.95
C SER B 56 -15.67 2.49 -15.63
N PRO B 57 -15.41 1.20 -15.94
CA PRO B 57 -16.36 0.11 -15.69
C PRO B 57 -16.69 -0.12 -14.22
N ILE B 58 -16.07 0.65 -13.33
CA ILE B 58 -16.33 0.52 -11.89
C ILE B 58 -16.33 1.88 -11.21
N SER B 59 -16.76 1.91 -9.95
CA SER B 59 -16.79 3.16 -9.19
C SER B 59 -15.38 3.72 -9.03
N GLU B 60 -15.24 5.03 -9.21
CA GLU B 60 -13.93 5.68 -9.08
C GLU B 60 -13.95 6.74 -8.00
N GLY B 61 -12.79 6.98 -7.39
CA GLY B 61 -12.70 7.97 -6.34
C GLY B 61 -12.06 9.27 -6.79
N PHE B 62 -12.43 10.36 -6.14
CA PHE B 62 -11.91 11.69 -6.44
C PHE B 62 -11.79 12.39 -5.09
N SER B 63 -10.56 12.55 -4.61
CA SER B 63 -10.34 13.19 -3.32
C SER B 63 -9.29 14.30 -3.36
N ILE B 64 -9.45 15.28 -2.47
CA ILE B 64 -8.52 16.40 -2.33
C ILE B 64 -8.61 16.82 -0.86
N ASP B 65 -7.78 16.18 -0.04
CA ASP B 65 -7.74 16.41 1.40
C ASP B 65 -7.90 17.87 1.84
N ALA B 66 -7.00 18.73 1.40
CA ALA B 66 -7.02 20.14 1.77
C ALA B 66 -8.39 20.82 1.81
N PHE B 67 -9.32 20.36 0.98
CA PHE B 67 -10.65 20.98 0.95
C PHE B 67 -11.77 20.00 1.23
N GLY B 68 -11.52 19.05 2.13
CA GLY B 68 -12.52 18.07 2.49
C GLY B 68 -13.28 17.47 1.32
N VAL B 69 -12.59 17.26 0.20
CA VAL B 69 -13.23 16.67 -0.98
C VAL B 69 -12.94 15.18 -1.01
N GLN B 70 -13.98 14.38 -1.13
CA GLN B 70 -13.83 12.93 -1.19
C GLN B 70 -15.14 12.33 -1.65
N GLU B 71 -15.24 12.10 -2.95
CA GLU B 71 -16.45 11.55 -3.53
C GLU B 71 -16.17 10.21 -4.17
N VAL B 72 -17.24 9.52 -4.53
CA VAL B 72 -17.16 8.21 -5.17
C VAL B 72 -18.18 8.25 -6.30
N ILE B 73 -17.69 8.21 -7.54
CA ILE B 73 -18.58 8.25 -8.70
C ILE B 73 -18.74 6.83 -9.26
N LYS B 74 -20.00 6.39 -9.35
CA LYS B 74 -20.31 5.06 -9.86
C LYS B 74 -20.11 4.96 -11.37
N ALA B 75 -19.89 3.73 -11.83
CA ALA B 75 -19.67 3.46 -13.26
C ALA B 75 -20.71 4.12 -14.16
N GLY B 76 -20.23 4.77 -15.21
CA GLY B 76 -21.11 5.43 -16.16
C GLY B 76 -21.89 6.61 -15.60
N GLU B 77 -21.54 7.02 -14.38
CA GLU B 77 -22.23 8.14 -13.73
C GLU B 77 -21.44 9.44 -13.85
N THR B 78 -22.12 10.55 -13.56
CA THR B 78 -21.49 11.86 -13.60
C THR B 78 -21.70 12.50 -12.23
N LYS B 79 -20.78 13.37 -11.82
CA LYS B 79 -20.90 13.99 -10.51
C LYS B 79 -20.20 15.33 -10.44
N THR B 80 -20.97 16.35 -10.09
CA THR B 80 -20.41 17.69 -9.96
C THR B 80 -19.84 17.83 -8.56
N ILE B 81 -18.56 18.13 -8.49
CA ILE B 81 -17.90 18.30 -7.22
C ILE B 81 -17.57 19.77 -7.08
N SER B 82 -18.08 20.39 -6.02
CA SER B 82 -17.82 21.80 -5.80
C SER B 82 -17.21 22.08 -4.43
N PHE B 83 -16.33 23.07 -4.39
CA PHE B 83 -15.69 23.48 -3.15
C PHE B 83 -15.08 24.86 -3.39
N THR B 84 -14.52 25.45 -2.34
CA THR B 84 -13.90 26.75 -2.45
C THR B 84 -12.43 26.62 -2.13
N ALA B 85 -11.57 27.05 -3.05
CA ALA B 85 -10.14 26.97 -2.84
C ALA B 85 -9.73 28.19 -2.02
N ASP B 86 -9.99 28.13 -0.71
CA ASP B 86 -9.66 29.23 0.19
C ASP B 86 -8.24 29.13 0.74
N LYS B 87 -7.45 28.22 0.19
CA LYS B 87 -6.08 28.05 0.63
C LYS B 87 -5.15 27.94 -0.57
N ALA B 88 -4.00 28.59 -0.50
CA ALA B 88 -3.03 28.58 -1.58
C ALA B 88 -2.09 27.37 -1.51
N GLY B 89 -1.63 26.92 -2.68
CA GLY B 89 -0.72 25.80 -2.73
C GLY B 89 -1.01 24.79 -3.84
N ALA B 90 -0.36 23.63 -3.75
CA ALA B 90 -0.53 22.55 -4.70
C ALA B 90 -1.05 21.35 -3.91
N PHE B 91 -2.19 20.79 -4.33
CA PHE B 91 -2.77 19.67 -3.62
C PHE B 91 -3.05 18.50 -4.55
N THR B 92 -2.71 17.30 -4.07
CA THR B 92 -2.89 16.08 -4.84
C THR B 92 -4.34 15.64 -5.01
N ILE B 93 -4.71 15.39 -6.26
CA ILE B 93 -6.04 14.89 -6.61
C ILE B 93 -5.81 13.39 -6.69
N TRP B 94 -6.51 12.59 -5.90
CA TRP B 94 -6.29 11.15 -5.94
C TRP B 94 -7.53 10.30 -5.73
N CYS B 95 -7.40 9.02 -6.06
CA CYS B 95 -8.49 8.06 -5.90
C CYS B 95 -8.27 7.29 -4.60
N GLN B 96 -9.21 7.43 -3.66
CA GLN B 96 -9.11 6.75 -2.37
C GLN B 96 -9.50 5.27 -2.46
N LEU B 97 -9.87 4.84 -3.66
CA LEU B 97 -10.30 3.46 -3.89
C LEU B 97 -9.26 2.49 -4.47
N HIS B 98 -8.33 2.99 -5.27
CA HIS B 98 -7.35 2.11 -5.90
C HIS B 98 -5.88 2.47 -5.69
N PRO B 99 -4.98 1.56 -6.11
CA PRO B 99 -3.54 1.82 -5.95
C PRO B 99 -3.17 3.06 -6.73
N LYS B 100 -2.36 3.93 -6.13
CA LYS B 100 -1.97 5.18 -6.76
C LYS B 100 -1.17 5.02 -8.05
N ASN B 101 -0.55 3.87 -8.29
CA ASN B 101 0.19 3.74 -9.53
C ASN B 101 -0.60 2.96 -10.58
N ILE B 102 -1.89 2.77 -10.31
CA ILE B 102 -2.81 2.12 -11.25
C ILE B 102 -3.71 3.28 -11.68
N HIS B 103 -4.32 3.96 -10.71
CA HIS B 103 -5.15 5.12 -10.97
C HIS B 103 -4.28 6.31 -10.56
N LEU B 104 -3.55 6.85 -11.54
CA LEU B 104 -2.62 7.94 -11.31
C LEU B 104 -3.24 9.24 -10.81
N PRO B 105 -2.63 9.84 -9.78
CA PRO B 105 -3.13 11.09 -9.19
C PRO B 105 -2.90 12.29 -10.09
N GLY B 106 -3.50 13.41 -9.72
CA GLY B 106 -3.35 14.63 -10.49
C GLY B 106 -3.01 15.73 -9.51
N THR B 107 -3.29 16.98 -9.86
CA THR B 107 -2.96 18.09 -8.98
C THR B 107 -3.92 19.27 -9.07
N LEU B 108 -4.25 19.84 -7.91
CA LEU B 108 -5.10 21.02 -7.83
C LEU B 108 -4.14 22.10 -7.37
N ASN B 109 -3.88 23.07 -8.23
CA ASN B 109 -2.97 24.17 -7.91
C ASN B 109 -3.74 25.44 -7.59
N VAL B 110 -3.55 25.96 -6.39
CA VAL B 110 -4.23 27.18 -5.98
C VAL B 110 -3.17 28.27 -5.93
N VAL B 111 -3.23 29.18 -6.89
CA VAL B 111 -2.27 30.28 -6.98
C VAL B 111 -2.67 31.46 -6.10
N GLU B 112 -1.66 32.18 -5.61
CA GLU B 112 -1.87 33.34 -4.75
C GLU B 112 -2.58 34.46 -5.54
N HIS C 2 6.90 33.30 -22.99
CA HIS C 2 7.74 33.58 -24.19
C HIS C 2 7.66 32.48 -25.24
N ASN C 3 7.91 31.24 -24.84
CA ASN C 3 7.89 30.11 -25.76
C ASN C 3 8.18 28.82 -25.00
N PHE C 4 7.20 27.91 -24.97
CA PHE C 4 7.38 26.63 -24.27
C PHE C 4 8.26 25.64 -25.00
N ASN C 5 9.01 24.87 -24.22
CA ASN C 5 9.89 23.84 -24.76
C ASN C 5 9.47 22.49 -24.20
N VAL C 6 9.07 21.58 -25.10
CA VAL C 6 8.64 20.26 -24.69
C VAL C 6 9.43 19.21 -25.46
N VAL C 7 9.93 18.22 -24.73
CA VAL C 7 10.69 17.13 -25.35
C VAL C 7 9.86 15.86 -25.15
N ILE C 8 9.72 15.05 -26.20
CA ILE C 8 8.97 13.81 -26.08
C ILE C 8 9.98 12.67 -26.05
N ASN C 9 9.95 11.88 -24.98
CA ASN C 9 10.89 10.77 -24.83
C ASN C 9 10.24 9.42 -24.61
N ALA C 10 10.87 8.39 -25.18
CA ALA C 10 10.40 7.02 -25.05
C ALA C 10 11.34 6.27 -24.11
N TYR C 11 10.78 5.41 -23.27
CA TYR C 11 11.55 4.62 -22.31
C TYR C 11 11.18 3.16 -22.41
N ASP C 12 12.18 2.30 -22.64
CA ASP C 12 11.98 0.86 -22.75
C ASP C 12 12.70 0.29 -21.54
N THR C 13 11.98 0.12 -20.44
CA THR C 13 12.57 -0.35 -19.19
C THR C 13 12.25 -1.78 -18.73
N THR C 14 13.28 -2.60 -18.57
CA THR C 14 13.14 -3.97 -18.09
C THR C 14 14.16 -4.24 -16.98
N ILE C 15 13.67 -4.61 -15.81
CA ILE C 15 14.53 -4.91 -14.67
C ILE C 15 14.09 -6.22 -14.03
N PRO C 16 14.78 -7.33 -14.33
CA PRO C 16 14.44 -8.64 -13.77
C PRO C 16 14.44 -8.63 -12.24
N GLU C 17 15.53 -8.16 -11.65
CA GLU C 17 15.65 -8.10 -10.20
C GLU C 17 16.89 -7.31 -9.77
N LEU C 18 16.67 -6.24 -9.04
CA LEU C 18 17.75 -5.39 -8.58
C LEU C 18 17.54 -4.95 -7.13
N ASN C 19 18.50 -5.25 -6.27
CA ASN C 19 18.39 -4.85 -4.88
C ASN C 19 19.03 -3.47 -4.71
N VAL C 20 18.22 -2.46 -4.47
CA VAL C 20 18.71 -1.10 -4.30
C VAL C 20 18.62 -0.68 -2.83
N GLU C 21 19.79 -0.49 -2.20
CA GLU C 21 19.85 -0.10 -0.80
C GLU C 21 19.01 -1.02 0.08
N GLY C 22 19.12 -2.33 -0.16
CA GLY C 22 18.37 -3.29 0.63
C GLY C 22 16.93 -3.56 0.17
N VAL C 23 16.41 -2.69 -0.70
CA VAL C 23 15.04 -2.87 -1.20
C VAL C 23 15.05 -3.60 -2.55
N THR C 24 14.28 -4.68 -2.65
CA THR C 24 14.22 -5.43 -3.88
C THR C 24 13.25 -4.83 -4.90
N VAL C 25 13.75 -4.60 -6.11
CA VAL C 25 12.98 -4.05 -7.22
C VAL C 25 13.01 -5.20 -8.21
N LYS C 26 11.93 -5.97 -8.24
CA LYS C 26 11.86 -7.16 -9.08
C LYS C 26 10.75 -7.20 -10.13
N ASN C 27 11.05 -7.88 -11.23
CA ASN C 27 10.10 -8.06 -12.34
C ASN C 27 9.48 -6.80 -12.91
N ILE C 28 10.31 -5.80 -13.21
CA ILE C 28 9.80 -4.55 -13.77
C ILE C 28 9.86 -4.58 -15.29
N ARG C 29 8.77 -4.19 -15.94
CA ARG C 29 8.73 -4.14 -17.38
C ARG C 29 7.77 -3.03 -17.72
N ALA C 30 8.31 -1.85 -18.01
CA ALA C 30 7.49 -0.70 -18.33
C ALA C 30 7.97 -0.01 -19.60
N PHE C 31 7.04 0.25 -20.51
CA PHE C 31 7.34 0.95 -21.75
C PHE C 31 6.42 2.14 -21.79
N ASN C 32 7.00 3.34 -21.92
CA ASN C 32 6.20 4.56 -21.93
C ASN C 32 6.84 5.64 -22.79
N VAL C 33 6.02 6.59 -23.19
CA VAL C 33 6.48 7.74 -23.94
C VAL C 33 6.03 8.88 -23.02
N LEU C 34 6.89 9.86 -22.78
CA LEU C 34 6.53 10.96 -21.90
C LEU C 34 6.82 12.33 -22.50
N ASN C 35 5.93 13.29 -22.23
CA ASN C 35 6.13 14.66 -22.69
C ASN C 35 6.84 15.31 -21.51
N GLU C 36 7.98 15.94 -21.75
CA GLU C 36 8.73 16.60 -20.68
C GLU C 36 8.90 18.09 -20.97
N PRO C 37 8.17 18.98 -20.26
CA PRO C 37 7.16 18.71 -19.21
C PRO C 37 5.76 18.37 -19.72
N GLU C 38 4.92 17.87 -18.81
CA GLU C 38 3.56 17.47 -19.14
C GLU C 38 2.54 18.59 -19.03
N THR C 39 2.79 19.51 -18.11
CA THR C 39 1.87 20.61 -17.87
C THR C 39 2.36 21.97 -18.36
N LEU C 40 1.48 22.67 -19.07
CA LEU C 40 1.76 24.00 -19.59
C LEU C 40 0.64 24.88 -19.02
N VAL C 41 1.01 25.95 -18.34
CA VAL C 41 0.03 26.86 -17.75
C VAL C 41 0.12 28.24 -18.39
N VAL C 42 -0.93 28.64 -19.09
CA VAL C 42 -0.98 29.94 -19.75
C VAL C 42 -2.17 30.72 -19.22
N LYS C 43 -2.31 31.95 -19.70
CA LYS C 43 -3.42 32.80 -19.29
C LYS C 43 -4.33 32.99 -20.50
N LYS C 44 -5.63 33.04 -20.25
CA LYS C 44 -6.61 33.20 -21.32
C LYS C 44 -6.20 34.35 -22.25
N GLY C 45 -6.22 34.08 -23.54
CA GLY C 45 -5.89 35.11 -24.51
C GLY C 45 -4.52 35.09 -25.17
N ASP C 46 -3.45 34.85 -24.42
CA ASP C 46 -2.13 34.86 -25.03
C ASP C 46 -1.92 33.86 -26.16
N ALA C 47 -1.00 34.20 -27.06
CA ALA C 47 -0.67 33.34 -28.19
C ALA C 47 0.35 32.35 -27.68
N VAL C 48 -0.02 31.08 -27.68
CA VAL C 48 0.88 30.05 -27.19
C VAL C 48 1.78 29.53 -28.29
N LYS C 49 3.05 29.33 -27.94
CA LYS C 49 4.06 28.82 -28.87
C LYS C 49 4.71 27.62 -28.18
N VAL C 50 4.59 26.44 -28.79
CA VAL C 50 5.16 25.25 -28.21
C VAL C 50 6.16 24.57 -29.14
N VAL C 51 7.43 24.65 -28.79
CA VAL C 51 8.47 24.02 -29.59
C VAL C 51 8.55 22.59 -29.07
N VAL C 52 8.07 21.64 -29.86
CA VAL C 52 8.10 20.23 -29.46
C VAL C 52 9.19 19.45 -30.17
N GLU C 53 10.14 18.95 -29.39
CA GLU C 53 11.23 18.15 -29.98
C GLU C 53 10.96 16.67 -29.74
N ASN C 54 10.84 15.92 -30.84
CA ASN C 54 10.56 14.50 -30.73
C ASN C 54 11.83 13.65 -30.66
N LYS C 55 12.17 13.21 -29.45
CA LYS C 55 13.34 12.37 -29.23
C LYS C 55 12.96 10.89 -29.30
N SER C 56 11.68 10.63 -29.52
CA SER C 56 11.19 9.24 -29.63
C SER C 56 11.65 8.65 -30.96
N PRO C 57 11.87 7.33 -31.03
CA PRO C 57 12.30 6.71 -32.28
C PRO C 57 11.15 6.52 -33.27
N ILE C 58 9.94 6.93 -32.87
CA ILE C 58 8.79 6.80 -33.75
C ILE C 58 8.03 8.12 -33.79
N SER C 59 7.08 8.23 -34.72
CA SER C 59 6.28 9.44 -34.86
C SER C 59 5.47 9.60 -33.59
N GLU C 60 5.28 10.84 -33.15
CA GLU C 60 4.53 11.09 -31.92
C GLU C 60 3.43 12.11 -32.17
N GLY C 61 2.33 11.98 -31.43
CA GLY C 61 1.23 12.90 -31.59
C GLY C 61 1.17 13.92 -30.47
N PHE C 62 0.60 15.07 -30.77
CA PHE C 62 0.42 16.15 -29.82
C PHE C 62 -0.94 16.75 -30.12
N SER C 63 -1.94 16.45 -29.29
CA SER C 63 -3.28 16.98 -29.53
C SER C 63 -3.90 17.68 -28.33
N ILE C 64 -4.69 18.72 -28.64
CA ILE C 64 -5.42 19.50 -27.64
C ILE C 64 -6.70 19.91 -28.36
N ASP C 65 -7.75 19.12 -28.20
CA ASP C 65 -9.03 19.36 -28.87
C ASP C 65 -9.62 20.76 -28.79
N ALA C 66 -9.73 21.30 -27.59
CA ALA C 66 -10.32 22.63 -27.38
C ALA C 66 -9.76 23.72 -28.28
N PHE C 67 -8.55 23.53 -28.78
CA PHE C 67 -7.97 24.56 -29.63
C PHE C 67 -7.59 24.06 -31.02
N GLY C 68 -8.24 22.97 -31.43
CA GLY C 68 -7.98 22.40 -32.75
C GLY C 68 -6.55 21.97 -33.00
N VAL C 69 -5.84 21.61 -31.94
CA VAL C 69 -4.45 21.19 -32.09
C VAL C 69 -4.35 19.68 -32.32
N GLN C 70 -3.88 19.28 -33.50
CA GLN C 70 -3.71 17.86 -33.82
C GLN C 70 -2.48 17.76 -34.69
N GLU C 71 -1.37 17.36 -34.09
CA GLU C 71 -0.11 17.26 -34.83
C GLU C 71 0.60 15.93 -34.61
N VAL C 72 1.44 15.59 -35.58
CA VAL C 72 2.25 14.39 -35.57
C VAL C 72 3.68 14.86 -35.80
N ILE C 73 4.57 14.56 -34.85
CA ILE C 73 5.97 14.96 -34.99
C ILE C 73 6.79 13.73 -35.34
N LYS C 74 7.45 13.75 -36.49
CA LYS C 74 8.27 12.62 -36.93
C LYS C 74 9.43 12.37 -35.96
N ALA C 75 9.90 11.14 -35.93
CA ALA C 75 11.00 10.76 -35.06
C ALA C 75 12.22 11.63 -35.27
N GLY C 76 12.72 12.21 -34.18
CA GLY C 76 13.90 13.05 -34.25
C GLY C 76 13.68 14.45 -34.79
N GLU C 77 12.43 14.84 -35.03
CA GLU C 77 12.17 16.17 -35.55
C GLU C 77 11.56 17.12 -34.52
N THR C 78 11.61 18.41 -34.84
CA THR C 78 11.05 19.42 -33.96
C THR C 78 9.97 20.19 -34.69
N LYS C 79 8.86 20.41 -34.02
CA LYS C 79 7.75 21.12 -34.62
C LYS C 79 7.21 22.17 -33.65
N THR C 80 7.11 23.41 -34.11
CA THR C 80 6.59 24.49 -33.27
C THR C 80 5.08 24.53 -33.46
N ILE C 81 4.35 24.40 -32.36
CA ILE C 81 2.90 24.41 -32.42
C ILE C 81 2.40 25.71 -31.79
N SER C 82 1.62 26.46 -32.55
CA SER C 82 1.09 27.73 -32.07
C SER C 82 -0.43 27.81 -32.12
N PHE C 83 -1.01 28.45 -31.12
CA PHE C 83 -2.46 28.59 -31.06
C PHE C 83 -2.79 29.63 -29.99
N THR C 84 -4.01 30.18 -30.06
CA THR C 84 -4.43 31.17 -29.09
C THR C 84 -5.30 30.48 -28.05
N ALA C 85 -4.98 30.68 -26.78
CA ALA C 85 -5.75 30.07 -25.69
C ALA C 85 -6.93 30.99 -25.41
N ASP C 86 -7.88 31.03 -26.34
CA ASP C 86 -9.06 31.88 -26.24
C ASP C 86 -10.08 31.47 -25.18
N LYS C 87 -9.86 30.34 -24.53
CA LYS C 87 -10.79 29.89 -23.50
C LYS C 87 -10.08 29.40 -22.25
N ALA C 88 -10.69 29.67 -21.09
CA ALA C 88 -10.13 29.25 -19.82
C ALA C 88 -10.54 27.82 -19.49
N GLY C 89 -9.82 27.19 -18.57
CA GLY C 89 -10.13 25.82 -18.19
C GLY C 89 -8.89 24.94 -18.17
N ALA C 90 -9.11 23.63 -18.09
CA ALA C 90 -8.03 22.66 -18.08
C ALA C 90 -8.29 21.65 -19.19
N PHE C 91 -7.37 21.59 -20.15
CA PHE C 91 -7.54 20.69 -21.29
C PHE C 91 -6.40 19.68 -21.45
N THR C 92 -6.77 18.44 -21.74
CA THR C 92 -5.80 17.36 -21.90
C THR C 92 -4.92 17.49 -23.15
N ILE C 93 -3.63 17.22 -22.96
CA ILE C 93 -2.65 17.23 -24.03
C ILE C 93 -2.40 15.73 -24.21
N TRP C 94 -2.68 15.19 -25.40
CA TRP C 94 -2.51 13.75 -25.58
C TRP C 94 -2.00 13.36 -26.96
N CYS C 95 -1.56 12.12 -27.06
CA CYS C 95 -1.06 11.57 -28.31
C CYS C 95 -2.17 10.76 -28.96
N GLN C 96 -2.48 11.07 -30.21
CA GLN C 96 -3.56 10.37 -30.92
C GLN C 96 -3.09 9.11 -31.62
N LEU C 97 -1.81 8.78 -31.48
CA LEU C 97 -1.26 7.59 -32.12
C LEU C 97 -1.09 6.38 -31.20
N HIS C 98 -0.87 6.61 -29.91
CA HIS C 98 -0.63 5.50 -28.99
C HIS C 98 -1.58 5.44 -27.79
N PRO C 99 -1.62 4.29 -27.10
CA PRO C 99 -2.49 4.11 -25.93
C PRO C 99 -2.18 5.17 -24.87
N LYS C 100 -3.21 5.80 -24.32
CA LYS C 100 -3.02 6.86 -23.33
C LYS C 100 -2.26 6.46 -22.07
N ASN C 101 -2.19 5.17 -21.78
CA ASN C 101 -1.47 4.77 -20.58
C ASN C 101 -0.08 4.25 -20.91
N ILE C 102 0.31 4.41 -22.17
CA ILE C 102 1.65 4.05 -22.60
C ILE C 102 2.31 5.40 -22.83
N HIS C 103 1.64 6.26 -23.61
CA HIS C 103 2.13 7.61 -23.83
C HIS C 103 1.23 8.45 -22.93
N LEU C 104 1.69 8.69 -21.71
CA LEU C 104 0.89 9.43 -20.73
C LEU C 104 0.56 10.86 -21.16
N PRO C 105 -0.70 11.26 -20.96
CA PRO C 105 -1.16 12.60 -21.32
C PRO C 105 -0.73 13.67 -20.32
N GLY C 106 -0.86 14.92 -20.73
CA GLY C 106 -0.52 16.05 -19.88
C GLY C 106 -1.72 16.96 -19.80
N THR C 107 -1.51 18.23 -19.43
CA THR C 107 -2.60 19.18 -19.32
C THR C 107 -2.22 20.60 -19.70
N LEU C 108 -3.12 21.29 -20.39
CA LEU C 108 -2.93 22.68 -20.74
C LEU C 108 -3.92 23.42 -19.84
N ASN C 109 -3.40 24.28 -18.97
CA ASN C 109 -4.26 25.03 -18.07
C ASN C 109 -4.32 26.49 -18.48
N VAL C 110 -5.50 26.93 -18.90
CA VAL C 110 -5.69 28.31 -19.31
C VAL C 110 -6.41 29.04 -18.17
N VAL C 111 -5.69 29.94 -17.52
CA VAL C 111 -6.24 30.69 -16.40
C VAL C 111 -6.67 32.10 -16.80
N GLU C 112 -7.69 32.62 -16.13
CA GLU C 112 -8.22 33.94 -16.41
C GLU C 112 -7.12 34.99 -16.46
N HIS D 2 18.85 2.39 17.52
CA HIS D 2 18.37 1.06 17.05
C HIS D 2 17.30 0.54 18.01
N ASN D 3 16.18 0.08 17.45
CA ASN D 3 15.07 -0.42 18.24
C ASN D 3 14.04 -1.13 17.36
N PHE D 4 12.82 -1.30 17.86
CA PHE D 4 11.78 -1.95 17.08
C PHE D 4 10.87 -0.94 16.38
N ASN D 5 10.41 -1.28 15.18
CA ASN D 5 9.52 -0.39 14.43
C ASN D 5 8.20 -1.11 14.18
N VAL D 6 7.11 -0.55 14.68
CA VAL D 6 5.78 -1.14 14.49
C VAL D 6 4.85 -0.12 13.86
N VAL D 7 4.15 -0.52 12.80
CA VAL D 7 3.20 0.37 12.13
C VAL D 7 1.78 -0.14 12.39
N ILE D 8 0.88 0.71 12.85
CA ILE D 8 -0.50 0.29 13.08
C ILE D 8 -1.30 0.71 11.84
N ASN D 9 -1.89 -0.27 11.17
CA ASN D 9 -2.68 -0.01 9.95
C ASN D 9 -4.12 -0.51 10.10
N ALA D 10 -5.05 0.19 9.46
CA ALA D 10 -6.46 -0.19 9.47
C ALA D 10 -6.82 -0.69 8.08
N TYR D 11 -7.68 -1.70 8.02
CA TYR D 11 -8.11 -2.25 6.74
C TYR D 11 -9.63 -2.39 6.72
N ASP D 12 -10.24 -1.84 5.66
CA ASP D 12 -11.68 -1.87 5.47
C ASP D 12 -11.82 -2.62 4.15
N THR D 13 -12.15 -3.91 4.24
CA THR D 13 -12.23 -4.74 3.04
C THR D 13 -13.62 -5.27 2.72
N THR D 14 -14.12 -4.92 1.53
CA THR D 14 -15.44 -5.40 1.12
C THR D 14 -15.35 -5.90 -0.31
N ILE D 15 -15.51 -7.22 -0.49
CA ILE D 15 -15.46 -7.83 -1.81
C ILE D 15 -16.70 -8.69 -2.01
N PRO D 16 -17.78 -8.09 -2.57
CA PRO D 16 -19.03 -8.82 -2.81
C PRO D 16 -18.84 -10.10 -3.63
N GLU D 17 -18.00 -10.01 -4.67
CA GLU D 17 -17.73 -11.15 -5.52
C GLU D 17 -16.56 -10.84 -6.44
N LEU D 18 -15.62 -11.78 -6.53
CA LEU D 18 -14.47 -11.59 -7.37
C LEU D 18 -13.91 -12.94 -7.81
N ASN D 19 -13.57 -13.03 -9.08
CA ASN D 19 -13.00 -14.26 -9.59
C ASN D 19 -11.49 -14.02 -9.73
N VAL D 20 -10.70 -14.71 -8.92
CA VAL D 20 -9.24 -14.56 -8.96
C VAL D 20 -8.59 -15.82 -9.49
N GLU D 21 -8.00 -15.72 -10.67
CA GLU D 21 -7.33 -16.85 -11.31
C GLU D 21 -8.25 -18.05 -11.46
N GLY D 22 -9.51 -17.79 -11.82
CA GLY D 22 -10.46 -18.87 -12.02
C GLY D 22 -11.22 -19.33 -10.80
N VAL D 23 -10.89 -18.77 -9.64
CA VAL D 23 -11.55 -19.14 -8.39
C VAL D 23 -12.46 -18.02 -7.91
N THR D 24 -13.72 -18.35 -7.64
CA THR D 24 -14.68 -17.37 -7.18
C THR D 24 -14.75 -17.24 -5.67
N VAL D 25 -14.68 -16.00 -5.17
CA VAL D 25 -14.79 -15.77 -3.74
C VAL D 25 -15.85 -14.70 -3.63
N LYS D 26 -16.70 -14.79 -2.62
CA LYS D 26 -17.75 -13.80 -2.49
C LYS D 26 -18.21 -13.58 -1.06
N ASN D 27 -18.94 -12.49 -0.88
CA ASN D 27 -19.48 -12.10 0.41
C ASN D 27 -18.37 -11.87 1.42
N ILE D 28 -17.31 -11.24 0.96
CA ILE D 28 -16.18 -10.94 1.83
C ILE D 28 -16.36 -9.55 2.44
N ARG D 29 -16.20 -9.45 3.76
CA ARG D 29 -16.29 -8.15 4.42
C ARG D 29 -15.58 -8.22 5.75
N ALA D 30 -14.39 -7.61 5.79
CA ALA D 30 -13.60 -7.60 7.01
C ALA D 30 -13.03 -6.22 7.28
N PHE D 31 -13.17 -5.76 8.52
CA PHE D 31 -12.63 -4.49 8.94
C PHE D 31 -11.75 -4.80 10.13
N ASN D 32 -10.46 -4.54 10.01
CA ASN D 32 -9.53 -4.82 11.09
C ASN D 32 -8.48 -3.73 11.21
N VAL D 33 -7.78 -3.75 12.35
CA VAL D 33 -6.67 -2.85 12.61
C VAL D 33 -5.55 -3.84 12.95
N LEU D 34 -4.38 -3.69 12.34
CA LEU D 34 -3.28 -4.62 12.61
C LEU D 34 -1.98 -3.94 13.03
N ASN D 35 -1.22 -4.63 13.86
CA ASN D 35 0.08 -4.14 14.31
C ASN D 35 1.04 -4.86 13.37
N GLU D 36 1.90 -4.13 12.67
CA GLU D 36 2.84 -4.80 11.76
C GLU D 36 4.27 -4.40 12.11
N PRO D 37 5.08 -5.35 12.62
CA PRO D 37 4.79 -6.76 12.92
C PRO D 37 4.03 -6.91 14.22
N GLU D 38 3.46 -8.09 14.44
CA GLU D 38 2.67 -8.37 15.65
C GLU D 38 3.50 -8.91 16.83
N THR D 39 4.58 -9.61 16.51
CA THR D 39 5.42 -10.24 17.52
C THR D 39 6.78 -9.59 17.70
N LEU D 40 7.19 -9.43 18.96
CA LEU D 40 8.49 -8.85 19.30
C LEU D 40 9.17 -9.82 20.26
N VAL D 41 10.40 -10.21 19.95
CA VAL D 41 11.13 -11.14 20.82
C VAL D 41 12.40 -10.46 21.35
N VAL D 42 12.49 -10.41 22.68
CA VAL D 42 13.64 -9.79 23.34
C VAL D 42 14.18 -10.71 24.43
N LYS D 43 15.31 -10.34 25.02
CA LYS D 43 15.92 -11.14 26.09
C LYS D 43 15.63 -10.53 27.47
N LYS D 44 15.41 -11.40 28.46
CA LYS D 44 15.15 -10.92 29.80
C LYS D 44 16.22 -9.93 30.20
N GLY D 45 15.82 -8.80 30.77
CA GLY D 45 16.78 -7.80 31.19
C GLY D 45 16.95 -6.66 30.19
N ASP D 46 16.48 -6.88 28.96
CA ASP D 46 16.60 -5.87 27.92
C ASP D 46 15.77 -4.62 28.18
N ALA D 47 16.31 -3.48 27.78
CA ALA D 47 15.64 -2.20 27.92
C ALA D 47 15.06 -1.94 26.52
N VAL D 48 13.80 -2.33 26.33
CA VAL D 48 13.13 -2.19 25.04
C VAL D 48 12.69 -0.80 24.60
N LYS D 49 12.80 -0.56 23.30
CA LYS D 49 12.40 0.70 22.68
C LYS D 49 11.57 0.34 21.45
N VAL D 50 10.29 0.71 21.46
CA VAL D 50 9.41 0.43 20.33
C VAL D 50 8.88 1.73 19.73
N VAL D 51 9.14 1.93 18.43
CA VAL D 51 8.69 3.12 17.73
C VAL D 51 7.38 2.73 17.04
N VAL D 52 6.27 3.22 17.57
CA VAL D 52 4.95 2.89 17.02
C VAL D 52 4.36 4.02 16.20
N GLU D 53 4.28 3.80 14.88
CA GLU D 53 3.71 4.79 13.96
C GLU D 53 2.27 4.40 13.68
N ASN D 54 1.34 5.25 14.09
CA ASN D 54 -0.08 4.96 13.87
C ASN D 54 -0.61 5.48 12.54
N LYS D 55 -0.73 4.59 11.57
CA LYS D 55 -1.25 4.98 10.26
C LYS D 55 -2.75 4.75 10.18
N SER D 56 -3.36 4.42 11.31
CA SER D 56 -4.80 4.24 11.35
C SER D 56 -5.46 5.61 11.32
N PRO D 57 -6.72 5.70 10.83
CA PRO D 57 -7.48 6.94 10.74
C PRO D 57 -8.02 7.44 12.08
N ILE D 58 -7.86 6.63 13.12
CA ILE D 58 -8.35 7.03 14.44
C ILE D 58 -7.30 6.73 15.50
N SER D 59 -7.55 7.17 16.73
CA SER D 59 -6.62 6.92 17.81
C SER D 59 -6.53 5.41 18.06
N GLU D 60 -5.32 4.94 18.34
CA GLU D 60 -5.07 3.52 18.59
C GLU D 60 -4.39 3.30 19.93
N GLY D 61 -4.56 2.10 20.50
CA GLY D 61 -3.94 1.77 21.77
C GLY D 61 -2.82 0.77 21.58
N PHE D 62 -1.89 0.73 22.53
CA PHE D 62 -0.77 -0.19 22.50
C PHE D 62 -0.48 -0.50 23.98
N SER D 63 -0.82 -1.71 24.41
CA SER D 63 -0.64 -2.10 25.81
C SER D 63 0.01 -3.45 26.03
N ILE D 64 0.85 -3.54 27.06
CA ILE D 64 1.50 -4.78 27.47
C ILE D 64 1.42 -4.69 29.00
N ASP D 65 0.41 -5.35 29.56
CA ASP D 65 0.18 -5.30 31.00
C ASP D 65 1.41 -5.52 31.86
N ALA D 66 2.01 -6.68 31.72
CA ALA D 66 3.18 -7.08 32.50
C ALA D 66 4.26 -6.02 32.71
N PHE D 67 4.35 -5.05 31.80
CA PHE D 67 5.38 -4.03 31.96
C PHE D 67 4.90 -2.59 32.08
N GLY D 68 3.63 -2.41 32.41
CA GLY D 68 3.08 -1.08 32.59
C GLY D 68 3.00 -0.28 31.31
N VAL D 69 2.90 -0.96 30.17
CA VAL D 69 2.80 -0.23 28.92
C VAL D 69 1.34 -0.01 28.57
N GLN D 70 0.97 1.26 28.41
CA GLN D 70 -0.40 1.62 28.03
C GLN D 70 -0.33 2.98 27.36
N GLU D 71 -0.50 3.00 26.05
CA GLU D 71 -0.45 4.23 25.28
C GLU D 71 -1.62 4.38 24.32
N VAL D 72 -2.00 5.63 24.08
CA VAL D 72 -3.06 5.95 23.14
C VAL D 72 -2.32 6.84 22.15
N ILE D 73 -2.20 6.39 20.91
CA ILE D 73 -1.51 7.13 19.88
C ILE D 73 -2.53 7.73 18.91
N LYS D 74 -2.47 9.05 18.73
CA LYS D 74 -3.41 9.72 17.84
C LYS D 74 -3.19 9.34 16.39
N ALA D 75 -4.23 9.49 15.57
CA ALA D 75 -4.13 9.16 14.15
C ALA D 75 -2.99 9.92 13.53
N GLY D 76 -2.18 9.23 12.74
CA GLY D 76 -1.06 9.87 12.07
C GLY D 76 0.18 10.13 12.90
N GLU D 77 0.10 9.92 14.22
CA GLU D 77 1.25 10.16 15.08
C GLU D 77 2.15 8.95 15.33
N THR D 78 3.35 9.22 15.80
CA THR D 78 4.32 8.18 16.14
C THR D 78 4.68 8.40 17.59
N LYS D 79 4.95 7.31 18.30
CA LYS D 79 5.31 7.40 19.71
C LYS D 79 6.32 6.33 20.06
N THR D 80 7.45 6.74 20.61
CA THR D 80 8.49 5.79 21.01
C THR D 80 8.17 5.29 22.40
N ILE D 81 8.02 3.98 22.53
CA ILE D 81 7.71 3.35 23.81
C ILE D 81 8.93 2.62 24.36
N SER D 82 9.26 2.89 25.62
CA SER D 82 10.41 2.23 26.22
C SER D 82 10.08 1.67 27.59
N PHE D 83 10.56 0.45 27.84
CA PHE D 83 10.35 -0.24 29.10
C PHE D 83 11.44 -1.27 29.21
N THR D 84 11.59 -1.86 30.38
CA THR D 84 12.60 -2.88 30.60
C THR D 84 11.90 -4.23 30.70
N ALA D 85 12.34 -5.20 29.90
CA ALA D 85 11.74 -6.53 29.92
C ALA D 85 12.41 -7.33 31.04
N ASP D 86 11.99 -7.06 32.28
CA ASP D 86 12.55 -7.70 33.46
C ASP D 86 12.04 -9.11 33.76
N LYS D 87 10.90 -9.48 33.18
CA LYS D 87 10.36 -10.82 33.40
C LYS D 87 10.35 -11.63 32.12
N ALA D 88 10.54 -12.95 32.25
CA ALA D 88 10.55 -13.83 31.10
C ALA D 88 9.16 -14.45 30.90
N GLY D 89 8.83 -14.72 29.64
CA GLY D 89 7.55 -15.32 29.34
C GLY D 89 6.99 -14.84 28.01
N ALA D 90 5.67 -14.93 27.85
CA ALA D 90 4.99 -14.48 26.64
C ALA D 90 3.87 -13.56 27.09
N PHE D 91 3.91 -12.30 26.65
CA PHE D 91 2.91 -11.32 27.06
C PHE D 91 2.14 -10.72 25.88
N THR D 92 0.83 -10.57 26.04
CA THR D 92 0.00 -10.05 24.96
C THR D 92 0.18 -8.55 24.71
N ILE D 93 0.35 -8.19 23.45
CA ILE D 93 0.44 -6.79 23.05
C ILE D 93 -0.98 -6.58 22.51
N TRP D 94 -1.70 -5.60 23.05
CA TRP D 94 -3.06 -5.39 22.61
C TRP D 94 -3.52 -3.94 22.67
N CYS D 95 -4.68 -3.69 22.07
CA CYS D 95 -5.28 -2.36 22.04
C CYS D 95 -6.43 -2.30 23.06
N GLN D 96 -6.28 -1.41 24.04
CA GLN D 96 -7.28 -1.26 25.08
C GLN D 96 -8.43 -0.36 24.64
N LEU D 97 -8.41 0.05 23.38
CA LEU D 97 -9.46 0.90 22.85
C LEU D 97 -10.54 0.17 22.04
N HIS D 98 -10.12 -0.82 21.27
CA HIS D 98 -11.05 -1.54 20.40
C HIS D 98 -11.24 -3.02 20.70
N PRO D 99 -12.27 -3.64 20.09
CA PRO D 99 -12.56 -5.06 20.29
C PRO D 99 -11.36 -5.90 19.86
N LYS D 100 -11.05 -6.92 20.66
CA LYS D 100 -9.91 -7.80 20.42
C LYS D 100 -9.85 -8.49 19.06
N ASN D 101 -11.01 -8.79 18.47
CA ASN D 101 -10.99 -9.46 17.17
C ASN D 101 -11.10 -8.51 15.99
N ILE D 102 -11.05 -7.20 16.27
CA ILE D 102 -11.05 -6.20 15.21
C ILE D 102 -9.60 -5.72 15.12
N HIS D 103 -9.05 -5.28 16.25
CA HIS D 103 -7.65 -4.87 16.30
C HIS D 103 -6.96 -6.10 16.89
N LEU D 104 -6.44 -6.95 16.03
CA LEU D 104 -5.82 -8.19 16.46
C LEU D 104 -4.58 -8.00 17.34
N PRO D 105 -4.46 -8.84 18.39
CA PRO D 105 -3.35 -8.81 19.36
C PRO D 105 -2.05 -9.40 18.83
N GLY D 106 -0.96 -9.01 19.48
CA GLY D 106 0.35 -9.51 19.11
C GLY D 106 0.93 -10.15 20.36
N THR D 107 2.23 -10.43 20.33
CA THR D 107 2.88 -11.04 21.48
C THR D 107 4.28 -10.49 21.67
N LEU D 108 4.64 -10.27 22.94
CA LEU D 108 5.99 -9.81 23.28
C LEU D 108 6.57 -11.00 24.05
N ASN D 109 7.58 -11.63 23.49
CA ASN D 109 8.21 -12.78 24.12
C ASN D 109 9.53 -12.38 24.74
N VAL D 110 9.70 -12.73 26.01
CA VAL D 110 10.92 -12.43 26.73
C VAL D 110 11.57 -13.76 27.07
N VAL D 111 12.64 -14.08 26.37
CA VAL D 111 13.35 -15.33 26.59
C VAL D 111 14.53 -15.12 27.53
N GLU D 112 15.03 -16.20 28.12
CA GLU D 112 16.15 -16.11 29.05
C GLU D 112 17.38 -15.51 28.37
N HIS E 2 18.55 -25.33 10.61
CA HIS E 2 18.04 -26.28 9.58
C HIS E 2 17.14 -25.51 8.61
N ASN E 3 15.86 -25.88 8.55
CA ASN E 3 14.91 -25.18 7.67
C ASN E 3 13.51 -25.15 8.27
N PHE E 4 12.75 -24.12 7.91
CA PHE E 4 11.38 -23.98 8.40
C PHE E 4 10.39 -24.45 7.35
N ASN E 5 9.28 -25.00 7.80
CA ASN E 5 8.22 -25.47 6.91
C ASN E 5 6.98 -24.61 7.15
N VAL E 6 6.54 -23.91 6.11
CA VAL E 6 5.35 -23.07 6.22
C VAL E 6 4.33 -23.47 5.16
N VAL E 7 3.09 -23.69 5.60
CA VAL E 7 2.01 -24.06 4.70
C VAL E 7 0.96 -22.95 4.63
N ILE E 8 0.66 -22.48 3.42
CA ILE E 8 -0.33 -21.44 3.23
C ILE E 8 -1.67 -22.09 2.88
N ASN E 9 -2.70 -21.79 3.66
CA ASN E 9 -4.03 -22.36 3.50
C ASN E 9 -5.10 -21.29 3.39
N ALA E 10 -6.13 -21.54 2.58
CA ALA E 10 -7.24 -20.62 2.41
C ALA E 10 -8.46 -21.19 3.16
N TYR E 11 -9.26 -20.32 3.77
CA TYR E 11 -10.44 -20.76 4.51
C TYR E 11 -11.66 -19.97 4.11
N ASP E 12 -12.72 -20.69 3.74
CA ASP E 12 -13.98 -20.10 3.31
C ASP E 12 -15.00 -20.59 4.33
N THR E 13 -15.32 -19.77 5.32
CA THR E 13 -16.22 -20.18 6.39
C THR E 13 -17.52 -19.41 6.49
N THR E 14 -18.63 -20.14 6.52
CA THR E 14 -19.96 -19.54 6.63
C THR E 14 -20.70 -20.31 7.72
N ILE E 15 -21.21 -19.57 8.71
CA ILE E 15 -21.95 -20.16 9.83
C ILE E 15 -23.31 -19.46 9.89
N PRO E 16 -24.40 -20.24 9.94
CA PRO E 16 -25.73 -19.66 10.01
C PRO E 16 -25.98 -19.09 11.39
N GLU E 17 -27.02 -18.27 11.52
CA GLU E 17 -27.36 -17.70 12.82
C GLU E 17 -27.58 -18.78 13.88
N LEU E 18 -27.00 -18.56 15.04
CA LEU E 18 -27.11 -19.47 16.17
C LEU E 18 -27.73 -18.69 17.31
N ASN E 19 -28.29 -19.40 18.28
CA ASN E 19 -28.90 -18.72 19.44
C ASN E 19 -28.47 -19.55 20.62
N VAL E 20 -27.89 -19.11 21.50
CA VAL E 20 -27.40 -19.76 22.70
C VAL E 20 -27.82 -18.88 23.85
N GLU E 21 -28.55 -19.97 24.93
CA GLU E 21 -29.17 -19.39 26.11
C GLU E 21 -29.99 -18.20 25.63
N GLY E 22 -29.92 -17.45 25.17
CA GLY E 22 -30.80 -16.49 24.54
C GLY E 22 -29.97 -15.31 24.05
N VAL E 23 -28.20 -15.16 24.16
CA VAL E 23 -27.26 -14.60 23.21
C VAL E 23 -27.51 -15.12 21.79
N THR E 24 -28.09 -14.27 20.95
CA THR E 24 -28.34 -14.64 19.57
C THR E 24 -27.08 -14.29 18.78
N VAL E 25 -26.46 -15.30 18.18
CA VAL E 25 -25.24 -15.11 17.41
C VAL E 25 -25.53 -14.97 15.91
N LYS E 26 -25.35 -13.75 15.40
CA LYS E 26 -25.59 -13.44 14.00
C LYS E 26 -24.75 -14.31 13.08
N ASN E 27 -25.32 -14.66 11.92
CA ASN E 27 -24.60 -15.49 10.96
C ASN E 27 -23.19 -14.96 10.77
N ILE E 28 -22.25 -15.87 10.53
CA ILE E 28 -20.86 -15.49 10.36
C ILE E 28 -20.34 -15.83 8.99
N ARG E 29 -19.43 -14.99 8.48
CA ARG E 29 -18.80 -15.24 7.18
C ARG E 29 -17.37 -14.75 7.29
N ALA E 30 -16.42 -15.68 7.24
CA ALA E 30 -15.01 -15.32 7.32
C ALA E 30 -14.23 -16.00 6.22
N PHE E 31 -13.46 -15.22 5.47
CA PHE E 31 -12.64 -15.77 4.40
C PHE E 31 -11.24 -15.24 4.68
N ASN E 32 -10.27 -16.13 4.78
CA ASN E 32 -8.89 -15.72 5.06
C ASN E 32 -7.87 -16.70 4.48
N VAL E 33 -6.63 -16.24 4.38
CA VAL E 33 -5.54 -17.08 3.93
C VAL E 33 -4.59 -16.97 5.12
N LEU E 34 -4.06 -18.10 5.57
CA LEU E 34 -3.15 -18.08 6.70
C LEU E 34 -1.85 -18.82 6.45
N ASN E 35 -0.75 -18.29 6.98
CA ASN E 35 0.55 -18.93 6.89
C ASN E 35 0.64 -19.73 8.19
N GLU E 36 0.98 -21.00 8.09
CA GLU E 36 1.09 -21.84 9.28
C GLU E 36 2.46 -22.51 9.32
N PRO E 37 3.33 -22.10 10.25
CA PRO E 37 3.12 -21.08 11.28
C PRO E 37 3.34 -19.67 10.75
N GLU E 38 2.84 -18.67 11.48
CA GLU E 38 2.98 -17.27 11.06
C GLU E 38 4.27 -16.63 11.56
N THR E 39 4.81 -17.13 12.66
CA THR E 39 6.01 -16.55 13.25
C THR E 39 7.27 -17.41 13.14
N LEU E 40 8.37 -16.78 12.72
CA LEU E 40 9.66 -17.48 12.58
C LEU E 40 10.70 -16.74 13.41
N VAL E 41 11.36 -17.45 14.32
CA VAL E 41 12.37 -16.81 15.18
C VAL E 41 13.76 -17.37 14.88
N VAL E 42 14.69 -16.47 14.56
CA VAL E 42 16.05 -16.86 14.24
C VAL E 42 17.07 -15.93 14.92
N LYS E 43 18.35 -16.27 14.81
CA LYS E 43 19.41 -15.48 15.41
C LYS E 43 20.14 -14.70 14.33
N LYS E 44 20.54 -13.47 14.64
CA LYS E 44 21.24 -12.64 13.67
C LYS E 44 22.46 -13.40 13.15
N GLY E 45 22.62 -13.42 11.84
CA GLY E 45 23.74 -14.12 11.22
C GLY E 45 23.28 -15.43 10.62
N ASP E 46 22.16 -15.94 11.13
CA ASP E 46 21.61 -17.20 10.66
C ASP E 46 21.25 -17.21 9.17
N ALA E 47 21.51 -18.34 8.53
CA ALA E 47 21.18 -18.51 7.13
C ALA E 47 19.80 -19.14 7.14
N VAL E 48 18.78 -18.34 6.84
CA VAL E 48 17.42 -18.85 6.87
C VAL E 48 16.96 -19.52 5.58
N LYS E 49 16.24 -20.62 5.75
CA LYS E 49 15.69 -21.37 4.64
C LYS E 49 14.24 -21.70 5.00
N VAL E 50 13.31 -21.27 4.15
CA VAL E 50 11.90 -21.50 4.40
C VAL E 50 11.24 -22.25 3.25
N VAL E 51 10.73 -23.44 3.52
CA VAL E 51 10.05 -24.24 2.51
C VAL E 51 8.56 -23.93 2.59
N VAL E 52 8.09 -23.06 1.70
CA VAL E 52 6.70 -22.65 1.68
C VAL E 52 5.86 -23.45 0.70
N GLU E 53 4.96 -24.28 1.21
CA GLU E 53 4.08 -25.08 0.38
C GLU E 53 2.72 -24.38 0.25
N ASN E 54 2.45 -23.85 -0.94
CA ASN E 54 1.20 -23.14 -1.17
C ASN E 54 0.02 -24.08 -1.42
N LYS E 55 -0.88 -24.17 -0.43
CA LYS E 55 -2.05 -25.03 -0.56
C LYS E 55 -3.32 -24.25 -0.90
N SER E 56 -3.17 -22.95 -1.16
CA SER E 56 -4.30 -22.12 -1.55
C SER E 56 -4.65 -22.46 -2.99
N PRO E 57 -5.90 -22.21 -3.41
CA PRO E 57 -6.35 -22.49 -4.78
C PRO E 57 -5.84 -21.40 -5.74
N ILE E 58 -5.23 -20.36 -5.18
CA ILE E 58 -4.73 -19.26 -6.00
C ILE E 58 -3.27 -18.96 -5.69
N SER E 59 -2.63 -18.13 -6.50
CA SER E 59 -1.23 -17.75 -6.28
C SER E 59 -1.14 -17.01 -4.95
N GLU E 60 -0.08 -17.23 -4.19
CA GLU E 60 0.07 -16.56 -2.89
C GLU E 60 1.42 -15.87 -2.77
N GLY E 61 1.45 -14.79 -1.99
CA GLY E 61 2.69 -14.05 -1.83
C GLY E 61 3.37 -14.33 -0.50
N PHE E 62 4.67 -14.09 -0.46
CA PHE E 62 5.49 -14.27 0.73
C PHE E 62 6.58 -13.21 0.64
N SER E 63 6.46 -12.14 1.42
CA SER E 63 7.41 -11.05 1.39
C SER E 63 7.97 -10.67 2.76
N ILE E 64 9.25 -10.26 2.77
CA ILE E 64 9.92 -9.77 3.98
C ILE E 64 10.84 -8.66 3.48
N ASP E 65 10.35 -7.42 3.52
CA ASP E 65 11.07 -6.26 3.03
C ASP E 65 12.55 -6.14 3.41
N ALA E 66 12.81 -6.19 4.71
CA ALA E 66 14.16 -6.03 5.24
C ALA E 66 15.23 -6.92 4.63
N PHE E 67 14.83 -8.07 4.10
CA PHE E 67 15.82 -8.97 3.53
C PHE E 67 15.54 -9.25 2.07
N GLY E 68 14.98 -8.24 1.41
CA GLY E 68 14.68 -8.32 -0.01
C GLY E 68 13.99 -9.59 -0.45
N VAL E 69 13.06 -10.08 0.36
CA VAL E 69 12.31 -11.29 0.02
C VAL E 69 10.97 -10.87 -0.58
N GLN E 70 10.66 -11.44 -1.73
CA GLN E 70 9.40 -11.13 -2.41
C GLN E 70 9.14 -12.29 -3.38
N GLU E 71 8.28 -13.21 -2.95
CA GLU E 71 7.98 -14.36 -3.77
C GLU E 71 6.50 -14.49 -4.05
N VAL E 72 6.20 -15.14 -5.17
CA VAL E 72 4.84 -15.42 -5.58
C VAL E 72 4.86 -16.94 -5.80
N ILE E 73 4.10 -17.67 -5.00
CA ILE E 73 4.08 -19.12 -5.12
C ILE E 73 2.80 -19.55 -5.84
N LYS E 74 2.96 -20.21 -6.98
CA LYS E 74 1.78 -20.66 -7.72
C LYS E 74 0.97 -21.64 -6.86
N ALA E 75 -0.32 -21.76 -7.17
CA ALA E 75 -1.20 -22.66 -6.42
C ALA E 75 -0.72 -24.10 -6.46
N GLY E 76 -0.69 -24.75 -5.30
CA GLY E 76 -0.27 -26.14 -5.21
C GLY E 76 1.23 -26.35 -5.30
N GLU E 77 1.98 -25.27 -5.48
CA GLU E 77 3.43 -25.36 -5.58
C GLU E 77 4.13 -25.10 -4.25
N THR E 78 5.37 -25.58 -4.17
CA THR E 78 6.20 -25.42 -2.98
C THR E 78 7.43 -24.64 -3.41
N LYS E 79 7.84 -23.67 -2.61
CA LYS E 79 9.01 -22.88 -2.95
C LYS E 79 9.92 -22.67 -1.74
N THR E 80 11.20 -22.87 -1.94
CA THR E 80 12.17 -22.67 -0.88
C THR E 80 12.73 -21.28 -1.00
N ILE E 81 12.68 -20.54 0.10
CA ILE E 81 13.19 -19.17 0.15
C ILE E 81 14.36 -19.15 1.12
N SER E 82 15.49 -18.60 0.70
CA SER E 82 16.65 -18.57 1.57
C SER E 82 17.35 -17.22 1.57
N PHE E 83 17.76 -16.79 2.77
CA PHE E 83 18.43 -15.51 2.93
C PHE E 83 19.18 -15.51 4.26
N THR E 84 20.00 -14.49 4.47
CA THR E 84 20.77 -14.39 5.71
C THR E 84 20.19 -13.29 6.61
N ALA E 85 19.82 -13.67 7.83
CA ALA E 85 19.24 -12.72 8.78
C ALA E 85 20.36 -11.87 9.37
N ASP E 86 20.90 -10.97 8.54
CA ASP E 86 22.00 -10.11 8.95
C ASP E 86 21.61 -8.86 9.71
N LYS E 87 20.34 -8.74 10.09
CA LYS E 87 19.88 -7.58 10.82
C LYS E 87 18.94 -7.98 11.96
N ALA E 88 19.15 -7.39 13.13
CA ALA E 88 18.33 -7.68 14.28
C ALA E 88 17.06 -6.84 14.23
N GLY E 89 15.97 -7.41 14.75
CA GLY E 89 14.69 -6.71 14.77
C GLY E 89 13.50 -7.64 14.65
N ALA E 90 12.35 -7.09 14.31
CA ALA E 90 11.11 -7.86 14.13
C ALA E 90 10.57 -7.36 12.81
N PHE E 91 10.38 -8.25 11.84
CA PHE E 91 9.92 -7.84 10.52
C PHE E 91 8.68 -8.60 10.07
N THR E 92 7.76 -7.88 9.44
CA THR E 92 6.51 -8.46 8.97
C THR E 92 6.70 -9.41 7.79
N ILE E 93 6.00 -10.54 7.85
CA ILE E 93 5.99 -11.51 6.78
C ILE E 93 4.60 -11.26 6.22
N TRP E 94 4.48 -10.94 4.94
CA TRP E 94 3.17 -10.66 4.37
C TRP E 94 3.00 -11.04 2.90
N CYS E 95 1.74 -11.06 2.47
CA CYS E 95 1.37 -11.38 1.09
C CYS E 95 1.13 -10.07 0.32
N GLN E 96 1.91 -9.82 -0.74
CA GLN E 96 1.76 -8.59 -1.50
C GLN E 96 0.67 -8.68 -2.57
N LEU E 97 -0.06 -9.80 -2.56
CA LEU E 97 -1.11 -10.04 -3.53
C LEU E 97 -2.52 -9.74 -3.04
N HIS E 98 -2.78 -10.05 -1.78
CA HIS E 98 -4.11 -9.87 -1.20
C HIS E 98 -4.19 -8.91 -0.01
N PRO E 99 -5.41 -8.46 0.34
CA PRO E 99 -5.60 -7.55 1.46
C PRO E 99 -5.02 -8.14 2.75
N LYS E 100 -4.26 -7.34 3.47
CA LYS E 100 -3.63 -7.76 4.72
C LYS E 100 -4.57 -8.30 5.79
N ASN E 101 -5.85 -7.92 5.77
CA ASN E 101 -6.77 -8.46 6.77
C ASN E 101 -7.55 -9.66 6.25
N ILE E 102 -7.14 -10.18 5.08
CA ILE E 102 -7.74 -11.37 4.50
C ILE E 102 -6.62 -12.41 4.63
N HIS E 103 -5.46 -12.11 4.04
CA HIS E 103 -4.31 -13.00 4.17
C HIS E 103 -3.52 -12.38 5.34
N LEU E 104 -3.72 -12.92 6.53
CA LEU E 104 -3.07 -12.36 7.73
C LEU E 104 -1.55 -12.48 7.74
N PRO E 105 -0.86 -11.40 8.11
CA PRO E 105 0.61 -11.34 8.18
C PRO E 105 1.20 -12.11 9.35
N GLY E 106 2.51 -12.35 9.27
CA GLY E 106 3.21 -13.06 10.31
C GLY E 106 4.41 -12.22 10.69
N THR E 107 5.39 -12.82 11.37
CA THR E 107 6.58 -12.07 11.77
C THR E 107 7.85 -12.89 11.70
N LEU E 108 8.95 -12.24 11.31
CA LEU E 108 10.25 -12.90 11.28
C LEU E 108 10.98 -12.18 12.40
N ASN E 109 11.34 -12.91 13.47
CA ASN E 109 12.06 -12.29 14.57
C ASN E 109 13.53 -12.70 14.53
N VAL E 110 14.41 -11.71 14.45
CA VAL E 110 15.85 -11.96 14.41
C VAL E 110 16.44 -11.47 15.74
N VAL E 111 16.77 -12.41 16.61
CA VAL E 111 17.31 -12.11 17.93
C VAL E 111 18.83 -12.11 17.97
N GLU E 112 19.38 -11.48 19.01
CA GLU E 112 20.82 -11.37 19.24
C GLU E 112 21.47 -10.34 18.32
N ASN F 3 5.23 -21.33 34.18
CA ASN F 3 6.02 -21.22 32.92
C ASN F 3 5.29 -20.33 31.91
N PHE F 4 4.16 -20.82 31.39
CA PHE F 4 3.36 -20.06 30.44
C PHE F 4 1.87 -20.08 30.78
N ASN F 5 1.23 -18.93 30.64
CA ASN F 5 -0.20 -18.80 30.92
C ASN F 5 -0.92 -18.33 29.66
N VAL F 6 -1.75 -19.19 29.09
CA VAL F 6 -2.50 -18.83 27.89
C VAL F 6 -3.98 -18.81 28.21
N VAL F 7 -4.66 -17.75 27.82
CA VAL F 7 -6.10 -17.65 28.05
C VAL F 7 -6.80 -17.71 26.70
N ILE F 8 -7.85 -18.51 26.60
CA ILE F 8 -8.62 -18.64 25.36
C ILE F 8 -9.94 -17.91 25.53
N ASN F 9 -10.13 -16.84 24.77
CA ASN F 9 -11.34 -16.04 24.84
C ASN F 9 -12.10 -16.03 23.52
N ALA F 10 -13.43 -15.91 23.59
CA ALA F 10 -14.26 -15.85 22.40
C ALA F 10 -14.72 -14.41 22.25
N TYR F 11 -14.79 -13.92 21.02
CA TYR F 11 -15.23 -12.55 20.76
C TYR F 11 -16.30 -12.52 19.68
N ASP F 12 -17.43 -11.92 19.99
CA ASP F 12 -18.54 -11.81 19.06
C ASP F 12 -18.73 -10.33 18.83
N THR F 13 -18.36 -9.85 17.65
CA THR F 13 -18.44 -8.43 17.34
C THR F 13 -19.37 -8.09 16.19
N THR F 14 -20.39 -7.27 16.48
CA THR F 14 -21.36 -6.86 15.47
C THR F 14 -21.60 -5.35 15.58
N ILE F 15 -21.16 -4.58 14.58
CA ILE F 15 -21.35 -3.13 14.57
C ILE F 15 -21.92 -2.74 13.21
N PRO F 16 -23.26 -2.64 13.09
CA PRO F 16 -23.89 -2.28 11.83
C PRO F 16 -23.40 -0.93 11.30
N GLU F 17 -23.18 0.02 12.19
CA GLU F 17 -22.71 1.33 11.79
C GLU F 17 -21.80 1.85 12.88
N LEU F 18 -20.58 2.23 12.50
CA LEU F 18 -19.62 2.75 13.46
C LEU F 18 -19.17 4.15 13.08
N ASN F 19 -19.22 5.06 14.06
CA ASN F 19 -18.80 6.44 13.85
C ASN F 19 -17.79 6.77 14.95
N VAL F 20 -16.50 6.68 14.60
CA VAL F 20 -15.43 6.94 15.56
C VAL F 20 -14.49 8.03 15.05
N GLU F 21 -14.35 9.08 15.85
CA GLU F 21 -13.49 10.21 15.52
C GLU F 21 -13.66 10.65 14.07
N GLY F 22 -14.91 10.83 13.67
CA GLY F 22 -15.22 11.28 12.32
C GLY F 22 -15.18 10.22 11.23
N VAL F 23 -14.67 9.03 11.54
CA VAL F 23 -14.58 7.97 10.54
C VAL F 23 -15.79 7.03 10.63
N THR F 24 -16.41 6.78 9.48
CA THR F 24 -17.58 5.91 9.39
C THR F 24 -17.23 4.54 8.78
N VAL F 25 -17.64 3.47 9.47
CA VAL F 25 -17.40 2.10 8.99
C VAL F 25 -18.73 1.36 9.06
N LYS F 26 -19.09 0.66 7.99
CA LYS F 26 -20.37 -0.06 7.94
C LYS F 26 -20.26 -1.57 7.99
N ASN F 27 -21.34 -2.20 8.46
CA ASN F 27 -21.48 -3.66 8.54
C ASN F 27 -20.29 -4.46 9.03
N ILE F 28 -19.81 -4.14 10.23
CA ILE F 28 -18.71 -4.88 10.81
C ILE F 28 -19.28 -6.10 11.52
N ARG F 29 -18.75 -7.28 11.21
CA ARG F 29 -19.22 -8.49 11.88
C ARG F 29 -18.11 -9.52 11.90
N ALA F 30 -17.64 -9.84 13.10
CA ALA F 30 -16.58 -10.82 13.22
C ALA F 30 -16.74 -11.61 14.51
N PHE F 31 -16.50 -12.90 14.41
CA PHE F 31 -16.57 -13.77 15.58
C PHE F 31 -15.27 -14.54 15.56
N ASN F 32 -14.59 -14.57 16.70
CA ASN F 32 -13.31 -15.25 16.75
C ASN F 32 -13.03 -15.77 18.14
N VAL F 33 -12.15 -16.75 18.21
CA VAL F 33 -11.69 -17.32 19.48
C VAL F 33 -10.20 -17.09 19.38
N LEU F 34 -9.61 -16.49 20.40
CA LEU F 34 -8.19 -16.19 20.37
C LEU F 34 -7.40 -16.75 21.54
N ASN F 35 -6.18 -17.20 21.25
CA ASN F 35 -5.26 -17.68 22.28
C ASN F 35 -4.48 -16.43 22.68
N GLU F 36 -4.43 -16.12 23.96
CA GLU F 36 -3.71 -14.94 24.42
C GLU F 36 -2.74 -15.32 25.54
N PRO F 37 -1.42 -15.25 25.27
CA PRO F 37 -0.79 -14.85 23.99
C PRO F 37 -0.86 -15.97 22.95
N GLU F 38 -0.65 -15.61 21.69
CA GLU F 38 -0.68 -16.58 20.58
C GLU F 38 0.68 -17.21 20.31
N THR F 39 1.75 -16.49 20.63
CA THR F 39 3.11 -16.97 20.36
C THR F 39 3.91 -17.28 21.61
N LEU F 40 4.56 -18.43 21.61
CA LEU F 40 5.38 -18.90 22.73
C LEU F 40 6.78 -19.24 22.21
N VAL F 41 7.81 -18.65 22.80
CA VAL F 41 9.19 -18.94 22.36
C VAL F 41 9.98 -19.63 23.48
N VAL F 42 10.63 -20.74 23.15
CA VAL F 42 11.42 -21.48 24.13
C VAL F 42 12.75 -21.94 23.53
N LYS F 43 13.64 -22.45 24.39
CA LYS F 43 14.95 -22.95 23.96
C LYS F 43 14.85 -24.46 23.72
N LYS F 44 15.58 -24.95 22.71
CA LYS F 44 15.56 -26.36 22.40
C LYS F 44 15.88 -27.21 23.64
N GLY F 45 15.11 -28.27 23.86
CA GLY F 45 15.34 -29.13 24.99
C GLY F 45 14.80 -28.59 26.31
N ASP F 46 13.94 -27.57 26.23
CA ASP F 46 13.36 -26.98 27.42
C ASP F 46 12.14 -27.77 27.89
N ALA F 47 11.96 -27.80 29.21
CA ALA F 47 10.82 -28.48 29.80
C ALA F 47 9.76 -27.39 29.88
N VAL F 48 8.84 -27.40 28.92
CA VAL F 48 7.79 -26.38 28.86
C VAL F 48 6.52 -26.75 29.60
N LYS F 49 5.91 -25.75 30.21
CA LYS F 49 4.66 -25.91 30.94
C LYS F 49 3.74 -24.78 30.52
N VAL F 50 2.57 -25.14 30.01
CA VAL F 50 1.60 -24.14 29.57
C VAL F 50 0.28 -24.32 30.30
N VAL F 51 -0.12 -23.32 31.07
CA VAL F 51 -1.37 -23.37 31.80
C VAL F 51 -2.41 -22.66 30.93
N VAL F 52 -3.29 -23.46 30.33
CA VAL F 52 -4.32 -22.93 29.45
C VAL F 52 -5.69 -22.84 30.10
N GLU F 53 -6.14 -21.61 30.32
CA GLU F 53 -7.44 -21.35 30.90
C GLU F 53 -8.43 -21.07 29.77
N ASN F 54 -9.46 -21.90 29.66
CA ASN F 54 -10.45 -21.71 28.61
C ASN F 54 -11.66 -20.91 29.03
N LYS F 55 -11.68 -19.63 28.66
CA LYS F 55 -12.78 -18.75 28.98
C LYS F 55 -13.84 -18.72 27.89
N SER F 56 -13.81 -19.71 27.00
CA SER F 56 -14.78 -19.80 25.92
C SER F 56 -16.03 -20.54 26.39
N PRO F 57 -17.22 -20.09 26.00
CA PRO F 57 -18.46 -20.74 26.42
C PRO F 57 -18.52 -22.22 25.99
N ILE F 58 -17.51 -22.67 25.25
CA ILE F 58 -17.49 -24.06 24.78
C ILE F 58 -16.13 -24.73 24.91
N SER F 59 -16.09 -26.01 24.56
CA SER F 59 -14.84 -26.78 24.61
C SER F 59 -13.91 -26.21 23.54
N GLU F 60 -12.62 -26.16 23.84
CA GLU F 60 -11.64 -25.63 22.91
C GLU F 60 -10.47 -26.59 22.80
N GLY F 61 -9.79 -26.55 21.65
CA GLY F 61 -8.65 -27.42 21.45
C GLY F 61 -7.32 -26.67 21.51
N PHE F 62 -6.26 -27.40 21.79
CA PHE F 62 -4.92 -26.83 21.88
C PHE F 62 -3.94 -27.90 21.42
N SER F 63 -3.48 -27.80 20.18
CA SER F 63 -2.57 -28.80 19.64
C SER F 63 -1.25 -28.26 19.09
N ILE F 64 -0.25 -29.12 19.09
CA ILE F 64 1.07 -28.84 18.57
C ILE F 64 1.53 -30.22 18.12
N ASP F 65 1.33 -30.51 16.84
CA ASP F 65 1.68 -31.81 16.28
C ASP F 65 3.11 -32.27 16.56
N ALA F 66 4.08 -31.38 16.38
CA ALA F 66 5.49 -31.71 16.59
C ALA F 66 5.78 -32.44 17.90
N PHE F 67 5.03 -32.13 18.95
CA PHE F 67 5.26 -32.78 20.23
C PHE F 67 4.04 -33.52 20.75
N GLY F 68 3.32 -34.18 19.84
CA GLY F 68 2.14 -34.95 20.21
C GLY F 68 1.19 -34.30 21.19
N VAL F 69 0.90 -33.02 21.00
CA VAL F 69 -0.01 -32.31 21.90
C VAL F 69 -1.37 -32.10 21.23
N GLN F 70 -2.40 -32.70 21.81
CA GLN F 70 -3.77 -32.57 21.33
C GLN F 70 -4.67 -32.59 22.54
N GLU F 71 -5.01 -31.40 23.04
CA GLU F 71 -5.85 -31.27 24.23
C GLU F 71 -7.20 -30.65 23.94
N VAL F 72 -8.17 -30.96 24.80
CA VAL F 72 -9.52 -30.43 24.68
C VAL F 72 -9.92 -29.93 26.07
N ILE F 73 -10.06 -28.62 26.21
CA ILE F 73 -10.42 -28.01 27.49
C ILE F 73 -11.89 -27.64 27.52
N LYS F 74 -12.61 -28.12 28.53
CA LYS F 74 -14.03 -27.81 28.65
C LYS F 74 -14.18 -26.32 28.98
N ALA F 75 -15.37 -25.78 28.74
CA ALA F 75 -15.61 -24.37 29.00
C ALA F 75 -15.41 -24.03 30.48
N GLY F 76 -14.69 -22.94 30.73
CA GLY F 76 -14.45 -22.54 32.10
C GLY F 76 -13.38 -23.36 32.78
N GLU F 77 -12.96 -24.44 32.14
CA GLU F 77 -11.94 -25.32 32.69
C GLU F 77 -10.52 -24.84 32.46
N THR F 78 -9.59 -25.46 33.17
CA THR F 78 -8.18 -25.13 33.06
C THR F 78 -7.38 -26.41 32.99
N LYS F 79 -6.34 -26.42 32.17
CA LYS F 79 -5.49 -27.58 32.03
C LYS F 79 -4.06 -27.14 31.82
N THR F 80 -3.12 -27.89 32.40
CA THR F 80 -1.72 -27.59 32.27
C THR F 80 -1.11 -28.51 31.23
N ILE F 81 -0.59 -27.93 30.15
CA ILE F 81 0.03 -28.69 29.07
C ILE F 81 1.50 -28.83 29.37
N SER F 82 2.00 -30.06 29.36
CA SER F 82 3.41 -30.28 29.63
C SER F 82 4.07 -31.16 28.58
N PHE F 83 5.26 -30.75 28.15
CA PHE F 83 6.01 -31.48 27.14
C PHE F 83 7.42 -30.94 27.06
N THR F 84 8.27 -31.59 26.28
CA THR F 84 9.64 -31.14 26.11
C THR F 84 9.85 -30.75 24.65
N ALA F 85 10.56 -29.65 24.42
CA ALA F 85 10.82 -29.16 23.07
C ALA F 85 12.11 -29.77 22.55
N ASP F 86 12.04 -31.03 22.14
CA ASP F 86 13.22 -31.76 21.63
C ASP F 86 13.59 -31.45 20.18
N LYS F 87 12.82 -30.60 19.52
CA LYS F 87 13.10 -30.24 18.13
C LYS F 87 13.01 -28.74 17.90
N ALA F 88 14.04 -28.16 17.29
CA ALA F 88 14.06 -26.73 17.01
C ALA F 88 13.24 -26.41 15.76
N GLY F 89 12.75 -25.18 15.67
CA GLY F 89 11.96 -24.76 14.53
C GLY F 89 10.73 -23.95 14.95
N ALA F 90 9.80 -23.77 14.03
CA ALA F 90 8.58 -23.03 14.33
C ALA F 90 7.41 -23.98 14.17
N PHE F 91 6.56 -24.07 15.20
CA PHE F 91 5.43 -24.99 15.15
C PHE F 91 4.09 -24.32 15.44
N THR F 92 3.08 -24.67 14.64
CA THR F 92 1.74 -24.09 14.78
C THR F 92 0.96 -24.54 16.01
N ILE F 93 0.41 -23.59 16.75
CA ILE F 93 -0.42 -23.92 17.91
C ILE F 93 -1.82 -23.77 17.33
N TRP F 94 -2.59 -24.84 17.28
CA TRP F 94 -3.92 -24.73 16.69
C TRP F 94 -5.01 -25.47 17.43
N CYS F 95 -6.25 -25.16 17.06
CA CYS F 95 -7.42 -25.79 17.64
C CYS F 95 -7.92 -26.83 16.63
N GLN F 96 -8.07 -28.07 17.06
CA GLN F 96 -8.55 -29.13 16.16
C GLN F 96 -10.05 -29.31 16.16
N LEU F 97 -10.76 -28.40 16.83
CA LEU F 97 -12.23 -28.47 16.91
C LEU F 97 -12.96 -27.44 16.05
N HIS F 98 -12.32 -26.31 15.78
CA HIS F 98 -12.99 -25.26 15.01
C HIS F 98 -12.23 -24.79 13.78
N PRO F 99 -12.91 -24.08 12.87
CA PRO F 99 -12.25 -23.60 11.66
C PRO F 99 -11.05 -22.73 12.07
N LYS F 100 -9.91 -22.94 11.43
CA LYS F 100 -8.72 -22.17 11.77
C LYS F 100 -8.96 -20.69 11.48
N ASN F 101 -10.04 -20.44 10.76
CA ASN F 101 -10.45 -19.10 10.35
C ASN F 101 -11.21 -18.38 11.48
N ILE F 102 -11.76 -19.16 12.40
CA ILE F 102 -12.53 -18.61 13.52
C ILE F 102 -11.64 -18.55 14.77
N HIS F 103 -11.08 -19.70 15.15
CA HIS F 103 -10.18 -19.73 16.30
C HIS F 103 -8.79 -19.67 15.67
N LEU F 104 -8.26 -18.45 15.58
CA LEU F 104 -6.96 -18.20 14.98
C LEU F 104 -5.80 -18.95 15.63
N PRO F 105 -4.88 -19.47 14.81
CA PRO F 105 -3.73 -20.22 15.34
C PRO F 105 -2.61 -19.32 15.84
N GLY F 106 -1.66 -19.95 16.53
CA GLY F 106 -0.51 -19.23 17.04
C GLY F 106 0.75 -20.02 16.68
N THR F 107 1.85 -19.77 17.38
CA THR F 107 3.08 -20.48 17.08
C THR F 107 3.95 -20.76 18.29
N LEU F 108 4.62 -21.90 18.24
CA LEU F 108 5.56 -22.33 19.27
C LEU F 108 6.89 -22.28 18.53
N ASN F 109 7.80 -21.43 18.98
CA ASN F 109 9.11 -21.34 18.35
C ASN F 109 10.15 -21.88 19.31
N VAL F 110 11.03 -22.73 18.80
CA VAL F 110 12.08 -23.33 19.61
C VAL F 110 13.42 -22.99 18.96
N VAL F 111 14.16 -22.08 19.58
CA VAL F 111 15.45 -21.65 19.07
C VAL F 111 16.60 -22.51 19.60
N GLU F 112 17.82 -22.06 19.36
CA GLU F 112 19.02 -22.77 19.80
C GLU F 112 19.21 -24.08 19.05
CU CU G . 13.44 8.31 -7.96
CU CU H . -9.60 4.79 -8.95
CU CU I . 2.68 8.74 -28.56
CU CU J . -7.06 -0.40 18.15
CU CU K . -2.24 -13.94 -0.10
CU CU L . -11.41 -23.61 19.02
#